data_2VCB
#
_entry.id   2VCB
#
_cell.length_a   90.704
_cell.length_b   90.704
_cell.length_c   252.467
_cell.angle_alpha   90.00
_cell.angle_beta   90.00
_cell.angle_gamma   120.00
#
_symmetry.space_group_name_H-M   'P 61'
#
loop_
_entity.id
_entity.type
_entity.pdbx_description
1 polymer ALPHA-N-ACETYLGLUCOSAMINIDASE
2 non-polymer 'O-(2-ACETAMIDO-2-DEOXY D-GLUCOPYRANOSYLIDENE) AMINO-N-PHENYLCARBAMATE'
3 non-polymer 'CALCIUM ION'
4 water water
#
_entity_poly.entity_id   1
_entity_poly.type   'polypeptide(L)'
_entity_poly.pdbx_seq_one_letter_code
;GVEITEGVTVTAKGNTEGNTADLAIDGDLSTYWESSNDYKWIEVDLGGIYELSKIEIFNKDEAVYKYNIYASEDGENFNK
IAYKNNDNVSDSNGNMHTIDNVRAGKIRIDVVQNSNSDRVNIAEINVFGKNTGESLPEVKKIATSNFSETPWATEYEKFN
SDSAYANEKTLNEIKNLVGRVIGREFKDKFIFEIRDQLNGNDVFEVSDSGDGKVLIKGNNGVSLASGFNYYLKNYCNVSY
NPIMGSNLKMPETMPSVGERVVIDTPYEHRYALNFCTYSYTMSFWDWDQYEEFLDWCAMNGVNLVLDIIGQEEVLRRTLN
EFGYSDEEVKEFISGPAYFAWFYMQNMTGFGGPLPNDWFEQRAELGRKMHDRMQSFGINPVLQGYSGMVPRDFKEKNQEA
QTISQGGWCGFDRPDMLKTYVNEGEADYFQKVADVFYEKQKEVFGDVTNFYGVDPFHEGGNTGDLDNGKIYEIIQNKMIE
HDNDAVWVIQNWQGNPSNNKLEGLTKKDQAMVLDLFSEVSPDWNRLEERDLPWIWNMLHNFGGRMGMDAAPEKLATEIPK
ALANSEHMVGIGITPEAINTNPLAYELLFDMAWTRDQINFRTWTEDYIERRYGKTNKEILEAWNIILDTAYKKRNDYYQG
AAESIINARPGFGIKSASTWGHSKIVYDKSEFEKAIEIFAKNYDEFKDSDAFLYDFADILKQLLANSAQEYYEVMCNAYN
NGNGEKFKFVSGKFLELIKLQERVLSTRPEFLIGNWIEDARTMLKDSDDWTKDLFEFNARALVTTWGSRNNADGGGLKDY
SNRQWSGLTEDYYYARWEKWINGLQAELDGGAKAPNIDWFKMEYDWVNKKSDTDKLYPTEASNENLGELAKIAMESYSVT
NMDKILGENES
;
_entity_poly.pdbx_strand_id   A
#
loop_
_chem_comp.id
_chem_comp.type
_chem_comp.name
_chem_comp.formula
CA non-polymer 'CALCIUM ION' 'Ca 2'
OAN non-polymer 'O-(2-ACETAMIDO-2-DEOXY D-GLUCOPYRANOSYLIDENE) AMINO-N-PHENYLCARBAMATE' 'C15 H19 N3 O7'
#
# COMPACT_ATOMS: atom_id res chain seq x y z
N GLY A 1 -8.85 -1.44 -48.13
CA GLY A 1 -7.89 -1.17 -47.08
C GLY A 1 -7.66 0.31 -46.95
N VAL A 2 -6.45 0.75 -47.19
CA VAL A 2 -5.45 -0.09 -47.81
C VAL A 2 -4.29 -0.45 -46.90
N GLU A 3 -3.85 -1.68 -47.00
CA GLU A 3 -2.82 -2.29 -46.12
C GLU A 3 -1.47 -1.59 -46.20
N ILE A 4 -0.84 -1.42 -45.03
CA ILE A 4 0.47 -0.76 -44.93
C ILE A 4 1.55 -1.82 -45.03
N THR A 5 2.01 -2.06 -46.26
CA THR A 5 2.85 -3.21 -46.57
C THR A 5 4.34 -2.90 -46.55
N GLU A 6 4.69 -1.77 -45.95
CA GLU A 6 6.03 -1.27 -46.05
C GLU A 6 6.47 -0.24 -45.01
N GLY A 7 7.67 -0.37 -44.52
CA GLY A 7 8.21 0.57 -43.53
C GLY A 7 7.79 0.33 -42.10
N VAL A 8 7.04 -0.75 -41.87
CA VAL A 8 6.55 -1.07 -40.52
C VAL A 8 7.55 -1.92 -39.73
N THR A 9 7.83 -1.50 -38.50
CA THR A 9 8.75 -2.19 -37.60
C THR A 9 8.05 -2.50 -36.26
N VAL A 10 8.70 -3.29 -35.41
CA VAL A 10 8.10 -3.71 -34.15
C VAL A 10 9.16 -3.97 -33.06
N THR A 11 8.82 -3.63 -31.81
CA THR A 11 9.66 -3.96 -30.63
C THR A 11 8.84 -4.68 -29.56
N ALA A 12 9.53 -5.43 -28.70
CA ALA A 12 8.93 -5.96 -27.48
C ALA A 12 9.95 -5.92 -26.35
N LYS A 13 9.50 -6.19 -25.13
CA LYS A 13 10.39 -6.10 -23.97
C LYS A 13 10.78 -7.48 -23.45
N GLY A 14 10.27 -8.51 -24.11
CA GLY A 14 10.66 -9.90 -23.82
C GLY A 14 10.11 -10.83 -24.88
N ASN A 15 10.75 -11.99 -25.04
CA ASN A 15 10.26 -13.06 -25.91
C ASN A 15 10.89 -14.41 -25.57
N THR A 16 10.14 -15.50 -25.81
CA THR A 16 10.71 -16.84 -25.73
C THR A 16 11.42 -17.08 -27.06
N GLU A 17 12.65 -17.56 -27.02
CA GLU A 17 13.45 -17.81 -28.23
CA GLU A 17 13.41 -17.75 -28.26
C GLU A 17 12.86 -18.94 -29.09
N GLY A 18 12.92 -18.81 -30.41
CA GLY A 18 13.35 -17.62 -31.16
C GLY A 18 12.11 -16.96 -31.74
N ASN A 19 11.16 -16.65 -30.87
CA ASN A 19 9.89 -16.03 -31.24
C ASN A 19 9.98 -14.53 -31.00
N THR A 20 10.81 -13.90 -31.82
CA THR A 20 11.15 -12.49 -31.72
C THR A 20 9.97 -11.62 -32.19
N ALA A 21 10.01 -10.34 -31.82
CA ALA A 21 8.97 -9.35 -32.11
C ALA A 21 8.67 -9.21 -33.60
N ASP A 22 9.72 -9.23 -34.42
CA ASP A 22 9.61 -9.07 -35.88
C ASP A 22 8.82 -10.21 -36.55
N LEU A 23 8.72 -11.34 -35.87
CA LEU A 23 7.94 -12.46 -36.37
C LEU A 23 6.43 -12.18 -36.30
N ALA A 24 6.08 -11.10 -35.60
CA ALA A 24 4.70 -10.62 -35.53
C ALA A 24 4.30 -9.84 -36.77
N ILE A 25 5.29 -9.38 -37.54
CA ILE A 25 5.02 -8.57 -38.74
C ILE A 25 5.74 -9.07 -40.01
N ASP A 26 5.95 -10.38 -40.13
CA ASP A 26 6.76 -10.93 -41.23
C ASP A 26 5.97 -11.59 -42.36
N GLY A 27 4.66 -11.32 -42.42
CA GLY A 27 3.79 -11.83 -43.49
C GLY A 27 3.58 -13.33 -43.46
N ASP A 28 4.11 -13.98 -42.43
CA ASP A 28 4.09 -15.43 -42.29
C ASP A 28 3.28 -15.82 -41.07
N LEU A 29 2.25 -16.64 -41.29
CA LEU A 29 1.33 -17.07 -40.24
C LEU A 29 1.91 -18.15 -39.34
N SER A 30 2.97 -18.80 -39.81
CA SER A 30 3.57 -19.93 -39.10
C SER A 30 4.69 -19.49 -38.16
N THR A 31 5.00 -18.19 -38.18
CA THR A 31 5.97 -17.61 -37.24
C THR A 31 5.25 -16.63 -36.33
N TYR A 32 5.64 -16.60 -35.07
CA TYR A 32 4.97 -15.75 -34.08
C TYR A 32 5.95 -15.15 -33.09
N TRP A 33 5.63 -13.94 -32.59
CA TRP A 33 6.21 -13.44 -31.34
C TRP A 33 5.52 -14.16 -30.18
N GLU A 34 6.29 -14.47 -29.14
CA GLU A 34 5.73 -15.03 -27.92
C GLU A 34 6.39 -14.42 -26.68
N SER A 35 5.57 -13.95 -25.75
CA SER A 35 6.03 -13.30 -24.52
C SER A 35 6.78 -14.28 -23.61
N SER A 36 7.77 -13.79 -22.89
CA SER A 36 8.49 -14.60 -21.92
C SER A 36 8.17 -14.19 -20.49
N ASN A 37 7.81 -12.91 -20.31
CA ASN A 37 7.56 -12.35 -18.97
C ASN A 37 6.19 -11.65 -18.84
N ASP A 38 6.14 -10.54 -18.13
CA ASP A 38 4.88 -9.84 -17.85
C ASP A 38 4.63 -8.65 -18.79
N TYR A 39 5.61 -8.37 -19.63
CA TYR A 39 5.41 -7.47 -20.76
C TYR A 39 4.77 -8.30 -21.88
N LYS A 40 3.45 -8.29 -21.92
CA LYS A 40 2.68 -9.09 -22.87
C LYS A 40 2.24 -8.26 -24.06
N TRP A 41 3.00 -7.19 -24.34
CA TRP A 41 2.69 -6.29 -25.44
C TRP A 41 3.85 -6.03 -26.40
N ILE A 42 3.50 -5.70 -27.65
CA ILE A 42 4.44 -5.27 -28.69
C ILE A 42 4.09 -3.86 -29.16
N GLU A 43 5.06 -3.16 -29.74
CA GLU A 43 4.81 -1.83 -30.27
C GLU A 43 5.23 -1.73 -31.73
N VAL A 44 4.23 -1.51 -32.59
CA VAL A 44 4.43 -1.39 -34.03
C VAL A 44 4.58 0.09 -34.42
N ASP A 45 5.72 0.46 -35.01
CA ASP A 45 5.86 1.77 -35.64
C ASP A 45 5.51 1.60 -37.10
N LEU A 46 4.73 2.52 -37.64
CA LEU A 46 4.16 2.35 -38.97
C LEU A 46 4.96 3.03 -40.10
N GLY A 47 6.06 3.69 -39.74
CA GLY A 47 6.83 4.48 -40.70
C GLY A 47 6.07 5.73 -41.16
N GLY A 48 5.34 6.35 -40.24
CA GLY A 48 4.54 7.53 -40.56
C GLY A 48 3.15 7.46 -39.95
N ILE A 49 2.45 8.60 -39.98
CA ILE A 49 1.10 8.68 -39.45
C ILE A 49 0.07 8.31 -40.53
N TYR A 50 -0.85 7.41 -40.17
CA TYR A 50 -1.92 6.96 -41.06
C TYR A 50 -3.24 7.19 -40.34
N GLU A 51 -4.32 7.35 -41.10
CA GLU A 51 -5.66 7.25 -40.53
C GLU A 51 -6.08 5.79 -40.62
N LEU A 52 -6.11 5.10 -39.48
CA LEU A 52 -6.38 3.66 -39.49
C LEU A 52 -7.86 3.36 -39.58
N SER A 53 -8.20 2.35 -40.38
CA SER A 53 -9.60 1.92 -40.53
C SER A 53 -9.78 0.49 -40.05
N LYS A 54 -8.69 -0.29 -40.09
CA LYS A 54 -8.73 -1.70 -39.74
C LYS A 54 -7.42 -2.18 -39.13
N ILE A 55 -7.52 -3.09 -38.18
CA ILE A 55 -6.36 -3.80 -37.64
C ILE A 55 -6.70 -5.27 -37.54
N GLU A 56 -5.86 -6.12 -38.14
CA GLU A 56 -6.14 -7.55 -38.19
C GLU A 56 -5.08 -8.36 -37.43
N ILE A 57 -5.53 -9.19 -36.49
CA ILE A 57 -4.65 -9.97 -35.62
C ILE A 57 -4.85 -11.48 -35.79
N PHE A 58 -3.73 -12.19 -35.95
CA PHE A 58 -3.74 -13.65 -36.02
C PHE A 58 -2.94 -14.21 -34.84
N ASN A 59 -3.50 -15.22 -34.20
CA ASN A 59 -2.79 -15.95 -33.17
C ASN A 59 -2.25 -17.27 -33.71
N LYS A 60 -1.35 -17.89 -32.94
CA LYS A 60 -0.64 -19.09 -33.39
C LYS A 60 -1.50 -20.35 -33.35
N ASP A 61 -2.66 -20.28 -32.69
CA ASP A 61 -3.53 -21.44 -32.51
C ASP A 61 -5.01 -21.06 -32.37
N GLU A 62 -5.81 -22.00 -31.86
CA GLU A 62 -7.26 -21.85 -31.74
C GLU A 62 -7.71 -21.55 -30.30
N ALA A 63 -6.80 -21.11 -29.45
CA ALA A 63 -7.14 -20.69 -28.08
C ALA A 63 -7.96 -19.41 -28.07
N VAL A 64 -8.59 -19.14 -26.93
CA VAL A 64 -9.33 -17.88 -26.73
C VAL A 64 -8.37 -16.80 -26.21
N TYR A 65 -8.24 -15.72 -26.99
CA TYR A 65 -7.37 -14.60 -26.64
C TYR A 65 -8.13 -13.33 -26.32
N LYS A 66 -7.59 -12.53 -25.40
CA LYS A 66 -8.14 -11.22 -25.09
C LYS A 66 -7.03 -10.17 -25.08
N TYR A 67 -7.30 -9.04 -25.70
CA TYR A 67 -6.27 -8.00 -25.91
C TYR A 67 -6.84 -6.60 -26.05
N ASN A 68 -5.95 -5.62 -25.90
CA ASN A 68 -6.30 -4.22 -26.01
C ASN A 68 -5.33 -3.52 -26.95
N ILE A 69 -5.89 -2.75 -27.89
CA ILE A 69 -5.11 -2.04 -28.89
C ILE A 69 -5.15 -0.54 -28.63
N TYR A 70 -3.96 0.07 -28.62
CA TYR A 70 -3.77 1.50 -28.36
C TYR A 70 -2.97 2.13 -29.49
N ALA A 71 -3.23 3.41 -29.76
CA ALA A 71 -2.53 4.13 -30.83
C ALA A 71 -2.00 5.49 -30.37
N SER A 72 -1.03 6.03 -31.13
CA SER A 72 -0.45 7.34 -30.83
C SER A 72 -0.11 8.14 -32.08
N GLU A 73 -0.55 9.39 -32.10
CA GLU A 73 -0.19 10.33 -33.17
C GLU A 73 0.90 11.32 -32.76
N ASP A 74 1.23 11.37 -31.46
CA ASP A 74 2.28 12.26 -30.98
C ASP A 74 3.51 11.53 -30.40
N GLY A 75 3.46 10.21 -30.39
CA GLY A 75 4.56 9.38 -29.89
C GLY A 75 4.70 9.41 -28.38
N GLU A 76 3.91 10.26 -27.71
CA GLU A 76 3.90 10.34 -26.26
C GLU A 76 2.68 9.65 -25.65
N ASN A 77 1.50 9.94 -26.21
CA ASN A 77 0.23 9.45 -25.67
C ASN A 77 -0.35 8.28 -26.44
N PHE A 78 -0.67 7.21 -25.71
CA PHE A 78 -1.23 5.99 -26.29
C PHE A 78 -2.64 5.76 -25.76
N ASN A 79 -3.60 5.94 -26.66
CA ASN A 79 -5.00 5.89 -26.29
C ASN A 79 -5.65 4.67 -26.90
N LYS A 80 -6.63 4.11 -26.22
CA LYS A 80 -7.25 2.87 -26.64
C LYS A 80 -8.19 3.09 -27.81
N ILE A 81 -8.05 2.24 -28.82
CA ILE A 81 -8.81 2.39 -30.08
C ILE A 81 -9.63 1.15 -30.41
N ALA A 82 -9.27 0.02 -29.81
CA ALA A 82 -9.92 -1.26 -30.06
C ALA A 82 -9.52 -2.28 -28.99
N TYR A 83 -10.31 -3.36 -28.89
CA TYR A 83 -10.03 -4.44 -27.94
C TYR A 83 -10.86 -5.68 -28.27
N LYS A 84 -10.39 -6.84 -27.84
CA LYS A 84 -11.18 -8.06 -27.87
C LYS A 84 -11.34 -8.53 -26.44
N ASN A 85 -12.59 -8.64 -26.00
CA ASN A 85 -12.89 -9.21 -24.68
C ASN A 85 -13.92 -10.34 -24.71
N ASN A 86 -14.42 -10.68 -25.91
CA ASN A 86 -15.32 -11.81 -26.04
C ASN A 86 -14.58 -13.16 -25.91
N ASP A 87 -15.33 -14.22 -25.67
CA ASP A 87 -14.76 -15.55 -25.41
C ASP A 87 -14.61 -16.39 -26.67
N ASN A 88 -14.54 -15.73 -27.83
CA ASN A 88 -14.42 -16.44 -29.09
C ASN A 88 -13.01 -16.93 -29.36
N VAL A 89 -12.94 -18.17 -29.85
CA VAL A 89 -11.68 -18.80 -30.20
C VAL A 89 -11.07 -18.11 -31.41
N SER A 90 -9.74 -17.99 -31.40
CA SER A 90 -9.00 -17.59 -32.58
C SER A 90 -9.07 -18.70 -33.61
N ASP A 91 -9.06 -18.34 -34.89
CA ASP A 91 -8.98 -19.31 -35.96
C ASP A 91 -8.13 -18.82 -37.14
N SER A 92 -8.18 -19.55 -38.24
CA SER A 92 -7.40 -19.27 -39.44
C SER A 92 -7.80 -17.98 -40.16
N ASN A 93 -8.98 -17.44 -39.85
CA ASN A 93 -9.45 -16.22 -40.52
C ASN A 93 -8.98 -14.93 -39.87
N GLY A 94 -8.42 -15.04 -38.66
CA GLY A 94 -7.97 -13.86 -37.93
C GLY A 94 -9.10 -13.06 -37.30
N ASN A 95 -8.72 -12.00 -36.58
CA ASN A 95 -9.69 -11.06 -36.01
C ASN A 95 -9.58 -9.70 -36.68
N MET A 96 -10.71 -9.23 -37.19
CA MET A 96 -10.74 -7.93 -37.85
C MET A 96 -11.45 -6.92 -36.94
N HIS A 97 -10.76 -5.81 -36.69
CA HIS A 97 -11.26 -4.73 -35.83
C HIS A 97 -11.35 -3.45 -36.64
N THR A 98 -12.52 -2.83 -36.61
CA THR A 98 -12.73 -1.55 -37.28
C THR A 98 -12.28 -0.40 -36.38
N ILE A 99 -11.58 0.55 -36.97
CA ILE A 99 -11.02 1.71 -36.27
C ILE A 99 -11.69 2.96 -36.83
N ASP A 100 -12.02 3.91 -35.96
CA ASP A 100 -12.74 5.11 -36.38
C ASP A 100 -11.84 6.13 -37.07
N ASN A 101 -11.21 5.74 -38.18
CA ASN A 101 -10.30 6.62 -38.91
C ASN A 101 -9.45 7.48 -37.98
N VAL A 102 -8.75 6.80 -37.08
CA VAL A 102 -7.93 7.43 -36.06
C VAL A 102 -6.50 7.60 -36.56
N ARG A 103 -5.95 8.80 -36.39
CA ARG A 103 -4.58 9.12 -36.75
C ARG A 103 -3.58 8.38 -35.86
N ALA A 104 -2.73 7.55 -36.46
CA ALA A 104 -1.75 6.75 -35.70
C ALA A 104 -0.41 6.59 -36.38
N GLY A 105 0.66 6.96 -35.67
CA GLY A 105 2.03 6.72 -36.11
C GLY A 105 2.65 5.50 -35.45
N LYS A 106 2.13 5.13 -34.28
CA LYS A 106 2.50 3.92 -33.54
C LYS A 106 1.27 3.16 -33.02
N ILE A 107 1.43 1.86 -32.76
CA ILE A 107 0.38 1.04 -32.15
C ILE A 107 0.95 0.19 -31.02
N ARG A 108 0.15 -0.07 -29.99
CA ARG A 108 0.47 -1.05 -28.95
C ARG A 108 -0.65 -2.07 -28.86
N ILE A 109 -0.28 -3.35 -28.83
CA ILE A 109 -1.22 -4.43 -28.68
C ILE A 109 -0.80 -5.21 -27.44
N ASP A 110 -1.67 -5.20 -26.44
CA ASP A 110 -1.41 -5.86 -25.17
C ASP A 110 -2.33 -7.05 -25.15
N VAL A 111 -1.76 -8.23 -25.30
CA VAL A 111 -2.53 -9.47 -25.23
C VAL A 111 -2.54 -9.90 -23.79
N VAL A 112 -3.65 -9.63 -23.12
CA VAL A 112 -3.74 -9.78 -21.67
C VAL A 112 -4.16 -11.19 -21.22
N GLN A 113 -4.62 -12.00 -22.18
CA GLN A 113 -5.12 -13.34 -21.88
C GLN A 113 -4.96 -14.34 -23.03
N ASN A 114 -4.71 -15.58 -22.64
CA ASN A 114 -4.64 -16.74 -23.53
C ASN A 114 -5.14 -17.94 -22.73
N SER A 115 -6.26 -18.52 -23.19
CA SER A 115 -6.96 -19.60 -22.46
C SER A 115 -6.16 -20.89 -22.34
N ASN A 116 -5.08 -20.98 -23.11
CA ASN A 116 -4.30 -22.20 -23.28
C ASN A 116 -2.93 -22.12 -22.57
N SER A 117 -2.46 -20.90 -22.32
CA SER A 117 -1.12 -20.68 -21.77
C SER A 117 -1.02 -19.42 -20.93
N ASP A 118 -0.01 -19.36 -20.06
CA ASP A 118 0.36 -18.14 -19.35
C ASP A 118 1.05 -17.20 -20.31
N ARG A 119 1.44 -17.73 -21.44
CA ARG A 119 2.27 -17.02 -22.37
C ARG A 119 1.40 -16.64 -23.58
N VAL A 120 1.65 -15.47 -24.13
CA VAL A 120 0.83 -14.94 -25.21
C VAL A 120 1.61 -14.80 -26.52
N ASN A 121 0.88 -14.57 -27.62
CA ASN A 121 1.48 -14.57 -28.95
C ASN A 121 0.66 -13.79 -29.99
N ILE A 122 1.36 -13.21 -30.96
CA ILE A 122 0.77 -12.71 -32.19
C ILE A 122 1.54 -13.35 -33.34
N ALA A 123 0.82 -14.07 -34.20
CA ALA A 123 1.41 -14.68 -35.39
C ALA A 123 1.56 -13.65 -36.50
N GLU A 124 0.52 -12.84 -36.71
CA GLU A 124 0.60 -11.71 -37.64
C GLU A 124 -0.28 -10.55 -37.19
N ILE A 125 0.13 -9.34 -37.53
CA ILE A 125 -0.73 -8.18 -37.42
C ILE A 125 -0.61 -7.29 -38.67
N ASN A 126 -1.77 -7.08 -39.30
CA ASN A 126 -1.91 -6.22 -40.47
C ASN A 126 -2.64 -4.93 -40.09
N VAL A 127 -2.12 -3.81 -40.57
CA VAL A 127 -2.70 -2.51 -40.29
C VAL A 127 -3.10 -1.85 -41.61
N PHE A 128 -4.34 -1.37 -41.67
CA PHE A 128 -4.92 -0.77 -42.87
C PHE A 128 -5.30 0.70 -42.63
N GLY A 129 -4.78 1.60 -43.47
CA GLY A 129 -5.08 3.01 -43.33
C GLY A 129 -4.69 3.90 -44.49
N LYS A 130 -4.85 5.20 -44.28
CA LYS A 130 -4.55 6.21 -45.27
C LYS A 130 -3.42 7.08 -44.84
N ASN A 131 -2.36 7.10 -45.61
CA ASN A 131 -1.15 7.83 -45.30
C ASN A 131 -1.42 9.33 -45.22
N THR A 132 -1.03 9.94 -44.11
CA THR A 132 -1.26 11.37 -43.85
C THR A 132 -0.21 12.27 -44.46
N GLY A 133 0.94 11.68 -44.81
CA GLY A 133 2.09 12.44 -45.30
C GLY A 133 2.95 12.95 -44.16
N GLU A 134 2.44 12.81 -42.94
CA GLU A 134 3.12 13.32 -41.75
C GLU A 134 3.95 12.25 -41.06
N SER A 135 4.88 12.70 -40.24
CA SER A 135 5.71 11.82 -39.45
C SER A 135 5.57 12.16 -37.97
N LEU A 136 5.62 11.13 -37.13
CA LEU A 136 5.58 11.27 -35.68
C LEU A 136 6.61 12.30 -35.21
N PRO A 137 6.28 13.13 -34.20
CA PRO A 137 7.25 14.10 -33.72
C PRO A 137 8.34 13.46 -32.85
N GLU A 138 9.48 14.11 -32.87
CA GLU A 138 10.50 13.99 -31.89
C GLU A 138 9.97 13.55 -30.54
N LYS A 140 10.38 13.56 -27.07
CA LYS A 140 11.03 14.42 -26.09
C LYS A 140 11.46 13.84 -24.79
N LYS A 141 12.69 14.18 -24.44
CA LYS A 141 13.43 13.50 -23.37
C LYS A 141 12.91 13.87 -21.98
N ILE A 142 13.05 12.92 -21.04
CA ILE A 142 12.75 13.19 -19.64
C ILE A 142 13.74 14.23 -19.10
N ALA A 143 13.18 15.30 -18.54
CA ALA A 143 13.98 16.37 -17.95
C ALA A 143 13.33 16.77 -16.65
N THR A 144 14.14 16.89 -15.61
CA THR A 144 13.66 17.35 -14.31
C THR A 144 14.53 18.46 -13.76
N SER A 145 13.93 19.30 -12.93
CA SER A 145 14.61 20.43 -12.33
C SER A 145 15.51 20.00 -11.18
N ASN A 146 16.67 20.64 -11.06
CA ASN A 146 17.48 20.54 -9.87
C ASN A 146 16.85 21.31 -8.74
N PHE A 147 16.79 20.69 -7.57
CA PHE A 147 16.20 21.32 -6.39
C PHE A 147 16.65 22.78 -6.20
N SER A 148 17.96 23.00 -6.28
CA SER A 148 18.55 24.31 -6.03
C SER A 148 18.04 25.39 -6.97
N GLU A 149 17.50 24.97 -8.11
CA GLU A 149 16.97 25.87 -9.14
C GLU A 149 15.48 26.11 -9.01
N THR A 150 14.88 25.65 -7.93
CA THR A 150 13.43 25.74 -7.75
C THR A 150 13.02 26.76 -6.67
N PRO A 151 11.75 27.20 -6.69
CA PRO A 151 11.21 28.01 -5.60
C PRO A 151 11.20 27.26 -4.25
N TRP A 152 11.32 25.93 -4.30
CA TRP A 152 11.32 25.09 -3.10
C TRP A 152 12.61 25.26 -2.31
N ALA A 153 13.73 25.40 -3.02
CA ALA A 153 15.04 25.60 -2.40
C ALA A 153 15.15 26.95 -1.71
N THR A 154 14.66 27.99 -2.38
CA THR A 154 14.65 29.35 -1.85
C THR A 154 13.82 29.41 -0.57
N GLU A 155 12.65 28.75 -0.60
CA GLU A 155 11.78 28.68 0.57
C GLU A 155 12.43 27.86 1.69
N TYR A 156 13.01 26.71 1.33
CA TYR A 156 13.60 25.80 2.29
C TYR A 156 14.77 26.45 3.02
N GLU A 157 15.58 27.22 2.30
CA GLU A 157 16.71 27.92 2.90
C GLU A 157 16.25 29.08 3.78
N LYS A 158 15.16 29.72 3.37
CA LYS A 158 14.59 30.86 4.11
C LYS A 158 14.14 30.40 5.50
N PHE A 159 13.42 29.29 5.56
CA PHE A 159 13.02 28.69 6.82
C PHE A 159 14.25 28.34 7.67
N ASN A 160 15.30 27.83 7.03
CA ASN A 160 16.53 27.42 7.71
C ASN A 160 17.34 28.55 8.34
N SER A 161 17.43 29.68 7.64
CA SER A 161 18.28 30.79 8.06
C SER A 161 17.57 31.87 8.89
N ASP A 162 16.27 32.01 8.68
CA ASP A 162 15.50 33.12 9.25
C ASP A 162 14.47 32.63 10.28
N SER A 163 14.82 32.80 11.56
CA SER A 163 14.02 32.31 12.69
C SER A 163 12.60 32.87 12.75
N ALA A 164 12.46 34.17 12.51
CA ALA A 164 11.16 34.85 12.57
C ALA A 164 10.27 34.41 11.41
N TYR A 165 10.90 34.17 10.26
CA TYR A 165 10.20 33.61 9.11
C TYR A 165 9.72 32.18 9.39
N ALA A 166 10.63 31.36 9.92
CA ALA A 166 10.32 29.96 10.21
C ALA A 166 9.17 29.82 11.21
N ASN A 167 9.19 30.64 12.24
CA ASN A 167 8.14 30.65 13.25
C ASN A 167 6.81 31.13 12.70
N GLU A 168 6.83 32.22 11.92
CA GLU A 168 5.63 32.69 11.24
C GLU A 168 5.03 31.60 10.35
N LYS A 169 5.87 30.98 9.52
CA LYS A 169 5.48 29.89 8.63
C LYS A 169 4.82 28.73 9.39
N THR A 170 5.46 28.27 10.46
CA THR A 170 4.96 27.18 11.29
C THR A 170 3.59 27.49 11.90
N LEU A 171 3.51 28.62 12.60
CA LEU A 171 2.30 29.05 13.29
C LEU A 171 1.13 29.21 12.33
N ASN A 172 1.38 29.82 11.17
CA ASN A 172 0.39 29.95 10.10
C ASN A 172 -0.05 28.58 9.59
N GLU A 173 0.87 27.61 9.55
CA GLU A 173 0.56 26.25 9.12
C GLU A 173 -0.28 25.51 10.14
N ILE A 174 0.05 25.67 11.42
CA ILE A 174 -0.74 25.08 12.49
C ILE A 174 -2.18 25.61 12.49
N LYS A 175 -2.33 26.86 12.05
CA LYS A 175 -3.62 27.51 11.90
C LYS A 175 -4.36 27.01 10.67
N ASN A 176 -3.65 26.84 9.55
CA ASN A 176 -4.25 26.23 8.36
C ASN A 176 -4.72 24.80 8.66
N LEU A 177 -3.95 24.10 9.49
CA LEU A 177 -4.29 22.76 9.95
C LEU A 177 -5.64 22.75 10.67
N VAL A 178 -5.86 23.73 11.54
CA VAL A 178 -7.14 23.86 12.25
C VAL A 178 -8.29 24.03 11.26
N GLY A 179 -8.10 24.89 10.26
CA GLY A 179 -9.10 25.17 9.24
C GLY A 179 -9.43 23.97 8.37
N ARG A 180 -8.41 23.16 8.07
CA ARG A 180 -8.62 21.88 7.38
C ARG A 180 -9.33 20.84 8.26
N VAL A 181 -8.90 20.72 9.52
CA VAL A 181 -9.41 19.66 10.40
C VAL A 181 -10.86 19.92 10.87
N ILE A 182 -11.12 21.07 11.48
CA ILE A 182 -12.46 21.33 12.05
C ILE A 182 -13.30 22.38 11.31
N GLY A 183 -12.65 23.22 10.52
CA GLY A 183 -13.33 24.22 9.73
C GLY A 183 -12.70 25.59 9.88
N ARG A 184 -12.70 26.37 8.80
CA ARG A 184 -12.07 27.70 8.79
C ARG A 184 -12.59 28.63 9.89
N GLU A 185 -13.84 28.40 10.28
CA GLU A 185 -14.52 29.26 11.27
C GLU A 185 -14.06 29.04 12.72
N PHE A 186 -13.15 28.09 12.94
CA PHE A 186 -12.60 27.80 14.28
C PHE A 186 -11.14 28.21 14.43
N LYS A 187 -10.58 28.78 13.36
CA LYS A 187 -9.15 29.14 13.29
C LYS A 187 -8.76 30.26 14.25
N ASP A 188 -9.51 31.35 14.22
CA ASP A 188 -9.25 32.50 15.08
C ASP A 188 -9.69 32.28 16.54
N LYS A 189 -10.15 31.08 16.87
CA LYS A 189 -10.45 30.71 18.26
C LYS A 189 -9.22 30.14 18.98
N PHE A 190 -8.07 30.23 18.33
CA PHE A 190 -6.83 29.67 18.85
C PHE A 190 -5.68 30.65 18.76
N ILE A 191 -4.82 30.63 19.77
CA ILE A 191 -3.57 31.37 19.74
C ILE A 191 -2.43 30.35 19.86
N PHE A 192 -1.52 30.34 18.90
CA PHE A 192 -0.42 29.36 18.87
C PHE A 192 0.92 30.02 19.15
N GLU A 193 1.70 29.39 20.02
CA GLU A 193 2.97 29.96 20.47
C GLU A 193 4.10 28.92 20.44
N ILE A 194 5.30 29.35 20.04
CA ILE A 194 6.49 28.52 20.16
C ILE A 194 7.01 28.71 21.58
N ARG A 195 7.37 27.59 22.23
CA ARG A 195 8.11 27.63 23.49
C ARG A 195 9.36 26.74 23.38
N ASP A 196 10.18 26.72 24.43
CA ASP A 196 11.35 25.85 24.44
C ASP A 196 10.94 24.40 24.73
N GLN A 197 11.91 23.48 24.74
CA GLN A 197 11.64 22.11 25.20
C GLN A 197 11.55 22.12 26.72
N LEU A 198 10.94 21.08 27.28
CA LEU A 198 10.87 20.92 28.73
C LEU A 198 11.94 19.92 29.18
N ASN A 199 13.08 20.46 29.61
CA ASN A 199 14.28 19.67 29.94
C ASN A 199 14.67 18.75 28.78
N GLY A 200 14.80 19.32 27.59
CA GLY A 200 15.22 18.57 26.41
C GLY A 200 14.20 17.62 25.84
N ASN A 201 12.94 17.78 26.24
CA ASN A 201 11.84 16.97 25.74
C ASN A 201 10.77 17.78 25.02
N ASP A 202 10.18 17.17 23.99
CA ASP A 202 9.06 17.78 23.28
C ASP A 202 7.84 17.93 24.19
N VAL A 203 7.24 19.12 24.13
CA VAL A 203 6.22 19.55 25.10
C VAL A 203 5.17 20.44 24.44
N PHE A 204 3.94 20.35 24.93
CA PHE A 204 2.90 21.29 24.56
C PHE A 204 2.15 21.78 25.79
N GLU A 205 1.50 22.93 25.66
CA GLU A 205 0.68 23.51 26.74
C GLU A 205 -0.66 23.93 26.16
N VAL A 206 -1.73 23.72 26.92
CA VAL A 206 -3.03 24.29 26.62
C VAL A 206 -3.61 25.01 27.83
N SER A 207 -4.08 26.24 27.60
CA SER A 207 -4.64 27.09 28.65
C SER A 207 -5.66 28.05 28.05
N ASP A 208 -6.32 28.82 28.90
CA ASP A 208 -7.25 29.83 28.45
C ASP A 208 -6.51 31.13 28.20
N SER A 209 -6.89 31.82 27.14
CA SER A 209 -6.27 33.10 26.78
C SER A 209 -6.69 34.25 27.70
N GLY A 210 -7.90 34.16 28.24
CA GLY A 210 -8.47 35.22 29.07
C GLY A 210 -9.66 35.89 28.39
N ASP A 211 -9.74 35.76 27.07
CA ASP A 211 -10.86 36.34 26.30
C ASP A 211 -11.64 35.30 25.49
N GLY A 212 -11.66 34.07 26.00
CA GLY A 212 -12.47 33.01 25.41
C GLY A 212 -11.83 32.22 24.28
N LYS A 213 -10.55 32.50 24.00
CA LYS A 213 -9.79 31.73 23.01
C LYS A 213 -8.90 30.69 23.71
N VAL A 214 -8.46 29.69 22.95
CA VAL A 214 -7.58 28.65 23.49
C VAL A 214 -6.12 28.95 23.15
N LEU A 215 -5.29 29.00 24.18
CA LEU A 215 -3.87 29.26 24.01
C LEU A 215 -3.11 27.95 24.02
N ILE A 216 -2.39 27.67 22.93
CA ILE A 216 -1.60 26.45 22.83
C ILE A 216 -0.13 26.77 22.57
N LYS A 217 0.74 26.19 23.40
CA LYS A 217 2.18 26.34 23.24
C LYS A 217 2.79 25.00 22.86
N GLY A 218 3.92 25.04 22.17
CA GLY A 218 4.68 23.83 21.82
C GLY A 218 6.02 24.20 21.24
N ASN A 219 7.03 23.38 21.48
CA ASN A 219 8.38 23.65 20.96
C ASN A 219 8.54 23.64 19.43
N ASN A 220 7.59 22.99 18.75
CA ASN A 220 7.58 22.98 17.29
C ASN A 220 6.19 22.65 16.74
N GLY A 221 6.12 22.45 15.43
CA GLY A 221 4.85 22.22 14.75
C GLY A 221 4.06 21.06 15.31
N VAL A 222 4.68 19.88 15.39
CA VAL A 222 3.94 18.68 15.82
C VAL A 222 3.52 18.76 17.28
N SER A 223 4.30 19.47 18.09
CA SER A 223 3.92 19.71 19.48
C SER A 223 2.68 20.59 19.59
N LEU A 224 2.59 21.59 18.71
CA LEU A 224 1.41 22.46 18.62
C LEU A 224 0.17 21.71 18.17
N ALA A 225 0.31 20.89 17.12
CA ALA A 225 -0.79 20.10 16.58
C ALA A 225 -1.24 19.01 17.55
N SER A 226 -0.32 18.53 18.39
CA SER A 226 -0.63 17.58 19.45
C SER A 226 -1.38 18.26 20.59
N GLY A 227 -1.10 19.54 20.83
CA GLY A 227 -1.81 20.32 21.84
C GLY A 227 -3.22 20.61 21.38
N PHE A 228 -3.33 20.92 20.08
CA PHE A 228 -4.59 21.08 19.40
C PHE A 228 -5.46 19.82 19.52
N ASN A 229 -4.90 18.67 19.13
CA ASN A 229 -5.59 17.39 19.29
C ASN A 229 -5.93 17.08 20.75
N TYR A 230 -5.00 17.35 21.66
CA TYR A 230 -5.26 17.16 23.10
C TYR A 230 -6.49 17.94 23.55
N TYR A 231 -6.59 19.20 23.12
CA TYR A 231 -7.74 20.04 23.44
C TYR A 231 -9.05 19.51 22.86
N LEU A 232 -9.02 19.17 21.57
CA LEU A 232 -10.19 18.56 20.91
C LEU A 232 -10.66 17.33 21.65
N LYS A 233 -9.73 16.45 21.99
CA LYS A 233 -10.06 15.16 22.55
C LYS A 233 -10.59 15.23 23.97
N ASN A 234 -9.96 16.07 24.80
CA ASN A 234 -10.26 16.10 26.23
C ASN A 234 -11.24 17.20 26.68
N TYR A 235 -11.51 18.16 25.80
CA TYR A 235 -12.43 19.25 26.14
C TYR A 235 -13.62 19.36 25.19
N CYS A 236 -13.36 19.12 23.89
CA CYS A 236 -14.40 19.24 22.86
C CYS A 236 -15.07 17.90 22.58
N ASN A 237 -14.55 16.84 23.17
CA ASN A 237 -15.06 15.48 22.93
C ASN A 237 -15.04 15.16 21.43
N VAL A 238 -13.97 15.60 20.76
CA VAL A 238 -13.84 15.44 19.31
C VAL A 238 -12.67 14.51 18.97
N SER A 239 -12.86 13.68 17.94
CA SER A 239 -11.88 12.67 17.53
C SER A 239 -11.65 12.72 16.03
N TYR A 240 -10.41 12.98 15.62
CA TYR A 240 -10.03 13.08 14.21
C TYR A 240 -9.26 11.86 13.71
N ASN A 241 -9.81 11.20 12.68
CA ASN A 241 -9.10 10.18 11.92
C ASN A 241 -9.56 10.23 10.45
N PRO A 242 -8.79 10.92 9.59
CA PRO A 242 -9.13 11.15 8.19
C PRO A 242 -9.25 9.88 7.33
N ILE A 243 -8.91 8.75 7.92
CA ILE A 243 -8.87 7.47 7.20
C ILE A 243 -9.91 6.51 7.74
N MET A 244 -10.10 6.54 9.06
CA MET A 244 -10.87 5.52 9.76
C MET A 244 -11.99 6.09 10.61
N GLY A 245 -12.63 7.15 10.12
CA GLY A 245 -13.79 7.74 10.77
C GLY A 245 -13.49 8.84 11.77
N SER A 246 -14.30 9.90 11.73
CA SER A 246 -14.12 11.05 12.61
C SER A 246 -15.40 11.44 13.33
N ASN A 247 -15.24 12.06 14.50
CA ASN A 247 -16.27 12.91 15.09
C ASN A 247 -15.74 14.34 15.15
N LEU A 248 -16.21 15.20 14.25
CA LEU A 248 -15.71 16.57 14.17
C LEU A 248 -16.72 17.62 14.62
N LYS A 249 -17.83 17.16 15.20
CA LYS A 249 -18.90 18.03 15.71
C LYS A 249 -18.45 18.83 16.94
N MET A 250 -18.15 20.11 16.72
CA MET A 250 -17.66 21.02 17.75
C MET A 250 -18.79 21.60 18.60
N PRO A 251 -18.51 21.94 19.88
CA PRO A 251 -19.52 22.61 20.69
C PRO A 251 -19.90 23.98 20.15
N GLU A 252 -21.02 24.53 20.63
CA GLU A 252 -21.48 25.86 20.24
C GLU A 252 -20.51 26.94 20.70
N THR A 253 -20.02 26.78 21.93
CA THR A 253 -19.00 27.65 22.53
C THR A 253 -17.74 26.83 22.66
N MET A 254 -16.58 27.44 22.38
CA MET A 254 -15.29 26.84 22.75
C MET A 254 -15.26 26.62 24.24
N PRO A 255 -15.25 25.35 24.71
CA PRO A 255 -15.18 25.12 26.15
C PRO A 255 -13.89 25.67 26.78
N SER A 256 -13.96 26.02 28.06
CA SER A 256 -12.78 26.51 28.77
C SER A 256 -11.89 25.37 29.22
N VAL A 257 -10.58 25.59 29.13
CA VAL A 257 -9.58 24.62 29.57
C VAL A 257 -9.64 24.46 31.09
N GLY A 258 -9.73 25.59 31.79
CA GLY A 258 -9.73 25.60 33.24
C GLY A 258 -8.30 25.74 33.70
N GLU A 259 -7.82 24.76 34.45
CA GLU A 259 -6.45 24.79 34.93
C GLU A 259 -5.50 24.43 33.78
N ARG A 260 -4.43 25.21 33.64
CA ARG A 260 -3.42 25.01 32.62
C ARG A 260 -2.80 23.60 32.65
N VAL A 261 -2.51 23.05 31.47
CA VAL A 261 -1.77 21.78 31.39
C VAL A 261 -0.46 21.93 30.62
N VAL A 262 0.55 21.20 31.06
CA VAL A 262 1.85 21.10 30.41
C VAL A 262 2.14 19.62 30.27
N ILE A 263 2.24 19.16 29.02
CA ILE A 263 2.43 17.75 28.70
C ILE A 263 3.67 17.56 27.85
N ASP A 264 4.63 16.80 28.37
CA ASP A 264 5.82 16.47 27.60
C ASP A 264 5.82 15.00 27.16
N THR A 265 6.76 14.64 26.30
CA THR A 265 6.97 13.24 25.94
C THR A 265 8.43 12.84 26.18
N PRO A 266 8.65 11.67 26.81
CA PRO A 266 10.01 11.22 27.06
C PRO A 266 10.72 10.71 25.80
N TYR A 267 10.00 10.66 24.69
CA TYR A 267 10.49 10.01 23.47
C TYR A 267 11.00 11.02 22.46
N GLU A 268 12.18 10.76 21.93
CA GLU A 268 12.78 11.65 20.95
C GLU A 268 12.13 11.49 19.58
N HIS A 269 11.74 10.27 19.23
CA HIS A 269 11.04 10.02 17.97
C HIS A 269 9.72 9.30 18.19
N ARG A 270 8.71 9.74 17.47
CA ARG A 270 7.49 8.97 17.31
C ARG A 270 7.38 8.71 15.82
N TYR A 271 7.41 7.43 15.47
CA TYR A 271 7.71 7.01 14.10
C TYR A 271 6.45 6.51 13.36
N ALA A 272 6.41 6.71 12.05
CA ALA A 272 5.34 6.18 11.23
C ALA A 272 5.83 5.63 9.89
N LEU A 273 5.33 4.45 9.55
CA LEU A 273 5.33 3.86 8.19
C LEU A 273 6.24 2.65 7.94
N ASN A 274 5.67 1.66 7.25
CA ASN A 274 6.35 0.47 6.77
C ASN A 274 6.51 0.69 5.26
N PHE A 275 7.63 0.26 4.67
CA PHE A 275 7.79 0.38 3.21
C PHE A 275 6.48 -0.07 2.53
N CYS A 276 5.90 -1.15 3.04
CA CYS A 276 4.63 -1.72 2.56
C CYS A 276 3.43 -0.77 2.54
N THR A 277 3.41 0.22 3.43
CA THR A 277 2.29 1.18 3.52
C THR A 277 2.15 1.95 2.21
N TYR A 278 3.31 2.27 1.63
CA TYR A 278 3.42 3.00 0.38
C TYR A 278 2.81 2.26 -0.79
N SER A 279 2.55 0.97 -0.59
CA SER A 279 1.96 0.13 -1.61
C SER A 279 0.55 -0.29 -1.27
N TYR A 280 0.37 -0.93 -0.11
CA TYR A 280 -0.95 -1.43 0.29
C TYR A 280 -1.99 -0.36 0.55
N THR A 281 -1.53 0.84 0.93
CA THR A 281 -2.40 1.98 1.20
C THR A 281 -2.16 3.20 0.25
N MET A 282 -0.92 3.67 0.19
CA MET A 282 -0.60 4.99 -0.36
C MET A 282 -0.23 5.00 -1.85
N SER A 283 -0.33 3.85 -2.51
CA SER A 283 0.05 3.72 -3.94
C SER A 283 -0.46 4.86 -4.79
N PHE A 284 -1.74 5.17 -4.62
CA PHE A 284 -2.47 6.06 -5.53
C PHE A 284 -2.95 7.34 -4.86
N TRP A 285 -2.36 7.66 -3.72
CA TRP A 285 -2.62 8.92 -3.01
C TRP A 285 -2.20 10.15 -3.82
N ASP A 286 -3.09 11.16 -3.87
CA ASP A 286 -2.74 12.50 -4.35
C ASP A 286 -2.21 13.38 -3.19
N TRP A 287 -1.85 14.63 -3.47
CA TRP A 287 -1.39 15.53 -2.41
C TRP A 287 -2.44 15.75 -1.30
N ASP A 288 -3.72 15.86 -1.67
CA ASP A 288 -4.80 16.05 -0.68
C ASP A 288 -4.82 14.96 0.38
N GLN A 289 -4.63 13.72 -0.06
CA GLN A 289 -4.57 12.57 0.84
C GLN A 289 -3.33 12.61 1.71
N TYR A 290 -2.20 13.03 1.13
CA TYR A 290 -0.94 13.22 1.88
C TYR A 290 -1.01 14.38 2.89
N GLU A 291 -1.68 15.46 2.49
CA GLU A 291 -1.90 16.59 3.39
C GLU A 291 -2.73 16.17 4.59
N GLU A 292 -3.83 15.46 4.35
CA GLU A 292 -4.66 14.93 5.42
C GLU A 292 -3.82 14.11 6.39
N PHE A 293 -3.06 13.18 5.82
CA PHE A 293 -2.22 12.25 6.57
C PHE A 293 -1.22 12.96 7.48
N LEU A 294 -0.53 13.98 6.96
CA LEU A 294 0.45 14.72 7.77
C LEU A 294 -0.19 15.52 8.89
N ASP A 295 -1.42 16.03 8.67
CA ASP A 295 -2.17 16.70 9.73
C ASP A 295 -2.44 15.69 10.84
N TRP A 296 -2.99 14.54 10.46
CA TRP A 296 -3.21 13.45 11.42
C TRP A 296 -1.93 12.99 12.09
N CYS A 297 -0.80 13.02 11.36
CA CYS A 297 0.51 12.67 11.93
C CYS A 297 0.92 13.66 13.01
N ALA A 298 1.04 14.93 12.63
CA ALA A 298 1.42 15.99 13.57
C ALA A 298 0.51 16.00 14.80
N MET A 299 -0.80 15.82 14.57
CA MET A 299 -1.78 15.77 15.66
C MET A 299 -1.59 14.57 16.59
N ASN A 300 -1.01 13.51 16.05
CA ASN A 300 -0.72 12.30 16.83
C ASN A 300 0.73 12.25 17.34
N GLY A 301 1.47 13.33 17.13
CA GLY A 301 2.79 13.53 17.76
C GLY A 301 3.95 13.03 16.93
N VAL A 302 3.65 12.57 15.72
CA VAL A 302 4.61 11.95 14.82
C VAL A 302 5.62 12.96 14.31
N ASN A 303 6.90 12.64 14.46
CA ASN A 303 7.98 13.49 13.94
C ASN A 303 9.01 12.74 13.09
N LEU A 304 8.77 11.46 12.85
CA LEU A 304 9.63 10.66 11.98
C LEU A 304 8.79 9.75 11.08
N VAL A 305 8.98 9.90 9.77
CA VAL A 305 8.09 9.32 8.77
C VAL A 305 8.91 8.82 7.57
N LEU A 306 8.73 7.55 7.20
CA LEU A 306 9.37 7.02 5.99
C LEU A 306 8.86 7.73 4.74
N ASP A 307 9.79 7.99 3.82
CA ASP A 307 9.52 8.84 2.66
C ASP A 307 10.29 8.31 1.45
N ILE A 308 9.56 7.72 0.51
CA ILE A 308 10.16 7.21 -0.73
C ILE A 308 9.55 7.89 -1.95
N ILE A 309 8.79 8.95 -1.71
CA ILE A 309 8.15 9.69 -2.81
C ILE A 309 9.19 10.33 -3.72
N GLY A 310 9.10 10.02 -5.00
CA GLY A 310 10.03 10.58 -6.00
C GLY A 310 11.40 9.93 -6.04
N GLN A 311 11.57 8.79 -5.37
CA GLN A 311 12.85 8.09 -5.38
C GLN A 311 13.20 7.46 -6.75
N GLU A 312 12.22 7.45 -7.65
CA GLU A 312 12.42 6.93 -9.02
C GLU A 312 13.29 7.86 -9.84
N GLU A 313 13.22 9.15 -9.54
CA GLU A 313 14.03 10.17 -10.20
C GLU A 313 15.49 10.13 -9.74
N VAL A 314 15.68 9.96 -8.43
CA VAL A 314 17.00 9.78 -7.83
C VAL A 314 17.71 8.59 -8.46
N LEU A 315 17.03 7.45 -8.51
CA LEU A 315 17.56 6.23 -9.10
C LEU A 315 17.83 6.38 -10.59
N ARG A 316 16.94 7.09 -11.28
CA ARG A 316 17.08 7.36 -12.70
C ARG A 316 18.37 8.11 -13.00
N ARG A 317 18.64 9.16 -12.23
CA ARG A 317 19.82 9.98 -12.39
C ARG A 317 21.10 9.24 -12.01
N THR A 318 20.97 8.29 -11.10
CA THR A 318 22.08 7.47 -10.65
C THR A 318 22.41 6.42 -11.70
N LEU A 319 21.39 5.70 -12.16
CA LEU A 319 21.60 4.67 -13.15
C LEU A 319 22.07 5.22 -14.49
N ASN A 320 21.58 6.42 -14.83
CA ASN A 320 21.98 7.12 -16.05
C ASN A 320 23.50 7.29 -16.15
N GLU A 321 24.16 7.34 -15.00
CA GLU A 321 25.61 7.52 -14.92
C GLU A 321 26.33 6.21 -15.19
N PHE A 322 25.63 5.09 -15.11
CA PHE A 322 26.26 3.78 -15.24
C PHE A 322 25.71 2.98 -16.43
N GLY A 323 25.38 3.70 -17.49
CA GLY A 323 25.12 3.10 -18.79
C GLY A 323 23.69 2.75 -19.10
N TYR A 324 22.76 3.18 -18.23
CA TYR A 324 21.34 2.91 -18.43
C TYR A 324 20.62 4.09 -19.08
N SER A 325 19.83 3.79 -20.12
CA SER A 325 18.97 4.80 -20.73
C SER A 325 17.74 4.95 -19.85
N ASP A 326 16.94 5.99 -20.11
CA ASP A 326 15.71 6.22 -19.36
C ASP A 326 14.75 5.04 -19.49
N GLU A 327 14.62 4.54 -20.71
CA GLU A 327 13.79 3.35 -20.98
C GLU A 327 14.24 2.12 -20.16
N GLU A 328 15.55 1.89 -20.06
CA GLU A 328 16.06 0.74 -19.31
C GLU A 328 15.81 0.87 -17.80
N VAL A 329 15.97 2.10 -17.30
CA VAL A 329 15.58 2.48 -15.94
C VAL A 329 14.09 2.18 -15.66
N LYS A 330 13.22 2.58 -16.58
CA LYS A 330 11.78 2.31 -16.50
C LYS A 330 11.46 0.82 -16.46
N GLU A 331 12.28 0.01 -17.14
CA GLU A 331 12.13 -1.44 -17.12
C GLU A 331 12.61 -2.05 -15.81
N PHE A 332 13.58 -1.40 -15.18
CA PHE A 332 14.09 -1.84 -13.88
C PHE A 332 13.06 -1.58 -12.77
N ILE A 333 12.56 -0.36 -12.72
CA ILE A 333 11.65 0.06 -11.66
C ILE A 333 10.29 -0.57 -11.86
N SER A 334 9.62 -0.92 -10.76
CA SER A 334 8.29 -1.51 -10.76
C SER A 334 7.20 -0.51 -11.17
N GLY A 335 5.94 -0.97 -11.18
CA GLY A 335 4.80 -0.09 -11.35
C GLY A 335 4.44 0.56 -10.02
N PRO A 336 3.39 1.41 -9.99
CA PRO A 336 3.16 2.25 -8.83
C PRO A 336 2.60 1.53 -7.59
N ALA A 337 2.17 0.28 -7.75
CA ALA A 337 1.65 -0.47 -6.62
C ALA A 337 2.71 -1.35 -5.92
N TYR A 338 3.95 -1.30 -6.39
CA TYR A 338 4.95 -2.27 -5.95
C TYR A 338 6.23 -1.67 -5.37
N PHE A 339 6.26 -0.35 -5.16
CA PHE A 339 7.49 0.33 -4.68
C PHE A 339 8.02 -0.19 -3.35
N ALA A 340 7.14 -0.79 -2.55
CA ALA A 340 7.52 -1.30 -1.25
C ALA A 340 8.65 -2.33 -1.40
N TRP A 341 8.37 -3.35 -2.21
CA TRP A 341 9.27 -4.49 -2.41
C TRP A 341 10.31 -4.21 -3.49
N PHE A 342 10.15 -3.11 -4.21
CA PHE A 342 11.20 -2.64 -5.09
C PHE A 342 12.32 -1.96 -4.28
N TYR A 343 11.94 -1.11 -3.31
CA TYR A 343 12.96 -0.43 -2.49
C TYR A 343 13.58 -1.30 -1.43
N MET A 344 12.88 -2.38 -1.07
CA MET A 344 13.40 -3.40 -0.15
C MET A 344 14.16 -4.52 -0.88
N GLN A 345 14.44 -4.30 -2.16
CA GLN A 345 15.32 -5.17 -2.96
C GLN A 345 14.77 -6.59 -3.18
N ASN A 346 13.45 -6.70 -3.21
CA ASN A 346 12.77 -7.98 -3.38
C ASN A 346 12.37 -8.28 -4.82
N MET A 347 12.09 -7.24 -5.61
CA MET A 347 11.51 -7.41 -6.94
C MET A 347 11.80 -6.23 -7.87
N THR A 348 11.69 -6.48 -9.18
CA THR A 348 11.92 -5.44 -10.19
C THR A 348 10.85 -5.53 -11.27
N GLY A 349 10.74 -4.46 -12.05
CA GLY A 349 9.94 -4.47 -13.28
C GLY A 349 8.43 -4.49 -13.19
N PHE A 350 7.89 -5.42 -12.41
CA PHE A 350 6.45 -5.76 -12.44
C PHE A 350 5.52 -4.56 -12.23
N GLY A 351 4.46 -4.49 -13.03
CA GLY A 351 3.52 -3.37 -12.98
C GLY A 351 3.93 -2.20 -13.84
N GLY A 352 5.19 -2.18 -14.26
CA GLY A 352 5.72 -1.12 -15.12
C GLY A 352 5.52 -1.40 -16.60
N PRO A 353 6.10 -0.55 -17.45
CA PRO A 353 6.95 0.57 -17.07
C PRO A 353 6.14 1.82 -16.75
N LEU A 354 6.71 2.66 -15.89
CA LEU A 354 6.12 3.94 -15.50
C LEU A 354 6.09 4.89 -16.70
N PRO A 355 5.09 5.78 -16.76
CA PRO A 355 5.06 6.78 -17.85
C PRO A 355 6.21 7.76 -17.71
N ASN A 356 6.60 8.42 -18.81
CA ASN A 356 7.69 9.41 -18.76
C ASN A 356 7.35 10.55 -17.84
N ASP A 357 6.07 10.94 -17.84
CA ASP A 357 5.50 11.96 -16.96
C ASP A 357 5.74 11.72 -15.48
N TRP A 358 5.90 10.46 -15.09
CA TRP A 358 5.99 10.05 -13.69
C TRP A 358 7.03 10.83 -12.90
N PHE A 359 8.23 10.94 -13.46
CA PHE A 359 9.42 11.39 -12.72
C PHE A 359 9.31 12.82 -12.15
N GLU A 360 9.02 13.80 -13.01
CA GLU A 360 8.82 15.19 -12.57
C GLU A 360 7.70 15.36 -11.55
N GLN A 361 6.55 14.73 -11.80
CA GLN A 361 5.38 14.83 -10.92
C GLN A 361 5.65 14.35 -9.50
N ARG A 362 6.45 13.28 -9.37
CA ARG A 362 6.69 12.70 -8.06
C ARG A 362 7.85 13.39 -7.34
N ALA A 363 8.80 13.93 -8.10
CA ALA A 363 9.83 14.77 -7.50
C ALA A 363 9.18 16.03 -6.89
N GLU A 364 8.20 16.58 -7.60
CA GLU A 364 7.45 17.75 -7.14
C GLU A 364 6.58 17.44 -5.91
N LEU A 365 5.86 16.33 -5.96
CA LEU A 365 5.10 15.86 -4.80
C LEU A 365 5.99 15.66 -3.56
N GLY A 366 7.21 15.17 -3.78
CA GLY A 366 8.15 14.95 -2.68
C GLY A 366 8.73 16.25 -2.14
N ARG A 367 8.92 17.22 -3.02
CA ARG A 367 9.38 18.55 -2.61
C ARG A 367 8.30 19.26 -1.82
N LYS A 368 7.06 19.12 -2.28
CA LYS A 368 5.88 19.62 -1.62
C LYS A 368 5.77 19.04 -0.22
N MET A 369 6.02 17.75 -0.09
CA MET A 369 5.92 17.08 1.20
C MET A 369 7.00 17.50 2.18
N HIS A 370 8.20 17.79 1.69
CA HIS A 370 9.30 18.18 2.57
C HIS A 370 9.12 19.60 3.09
N ASP A 371 8.42 20.42 2.33
CA ASP A 371 8.07 21.77 2.74
C ASP A 371 7.13 21.75 3.94
N ARG A 372 6.08 20.91 3.87
CA ARG A 372 5.15 20.79 4.98
C ARG A 372 5.77 20.13 6.21
N MET A 373 6.58 19.10 5.96
CA MET A 373 7.33 18.42 6.99
C MET A 373 8.26 19.37 7.74
N GLN A 374 8.94 20.25 7.00
CA GLN A 374 9.80 21.28 7.59
C GLN A 374 9.02 22.26 8.45
N SER A 375 7.85 22.69 7.96
CA SER A 375 6.92 23.53 8.72
C SER A 375 6.51 22.89 10.05
N PHE A 376 6.30 21.58 10.03
CA PHE A 376 5.85 20.86 11.21
C PHE A 376 6.97 20.39 12.12
N GLY A 377 8.19 20.28 11.59
CA GLY A 377 9.29 19.65 12.33
C GLY A 377 9.20 18.13 12.28
N ILE A 378 8.64 17.61 11.18
CA ILE A 378 8.64 16.19 10.90
C ILE A 378 9.88 15.87 10.05
N ASN A 379 10.70 14.95 10.53
CA ASN A 379 11.86 14.46 9.77
C ASN A 379 11.41 13.36 8.83
N PRO A 380 11.66 13.52 7.52
CA PRO A 380 11.47 12.39 6.64
C PRO A 380 12.64 11.45 6.79
N VAL A 381 12.42 10.16 6.58
CA VAL A 381 13.50 9.19 6.43
C VAL A 381 13.70 9.01 4.92
N LEU A 382 14.80 9.55 4.40
CA LEU A 382 15.16 9.39 2.99
C LEU A 382 15.85 8.04 2.73
N GLN A 383 16.45 7.89 1.56
CA GLN A 383 17.05 6.61 1.18
C GLN A 383 18.56 6.54 1.38
N GLY A 384 19.02 5.43 1.95
CA GLY A 384 20.45 5.12 2.01
C GLY A 384 20.78 4.20 0.84
N TYR A 385 22.06 3.90 0.65
CA TYR A 385 22.45 3.00 -0.45
C TYR A 385 23.28 1.81 0.06
N SER A 386 22.87 0.59 -0.33
CA SER A 386 23.51 -0.65 0.14
C SER A 386 24.18 -1.50 -0.97
N GLY A 387 23.89 -1.21 -2.23
CA GLY A 387 24.53 -1.93 -3.33
C GLY A 387 23.60 -2.39 -4.43
N MET A 388 22.31 -2.04 -4.32
CA MET A 388 21.29 -2.52 -5.24
C MET A 388 21.52 -2.04 -6.68
N VAL A 389 21.67 -2.99 -7.60
CA VAL A 389 21.85 -2.72 -9.01
C VAL A 389 21.04 -3.70 -9.85
N PRO A 390 20.74 -3.35 -11.11
CA PRO A 390 20.07 -4.32 -11.99
C PRO A 390 20.95 -5.52 -12.34
N ARG A 391 20.32 -6.60 -12.76
CA ARG A 391 21.00 -7.87 -13.06
C ARG A 391 21.95 -7.84 -14.25
N ASP A 392 21.88 -6.77 -15.04
CA ASP A 392 22.76 -6.60 -16.18
C ASP A 392 23.80 -5.51 -15.92
N PHE A 393 24.00 -5.19 -14.64
CA PHE A 393 24.89 -4.09 -14.27
C PHE A 393 26.31 -4.32 -14.77
N LYS A 394 26.75 -5.58 -14.74
CA LYS A 394 28.10 -5.94 -15.24
C LYS A 394 28.23 -5.80 -16.74
N GLU A 395 27.24 -6.26 -17.50
CA GLU A 395 27.24 -6.07 -18.96
C GLU A 395 27.60 -4.64 -19.35
N LYS A 396 27.06 -3.69 -18.61
CA LYS A 396 27.25 -2.26 -18.88
C LYS A 396 28.50 -1.71 -18.20
N ASN A 397 28.88 -2.32 -17.09
CA ASN A 397 30.02 -1.88 -16.28
C ASN A 397 30.89 -3.08 -15.97
N GLN A 398 31.64 -3.53 -16.97
CA GLN A 398 32.32 -4.82 -16.94
C GLN A 398 33.24 -5.06 -15.76
N GLU A 399 33.82 -4.03 -15.21
CA GLU A 399 34.67 -4.17 -14.05
C GLU A 399 33.95 -4.26 -12.73
N ALA A 400 32.66 -4.06 -12.73
CA ALA A 400 31.84 -4.11 -11.51
C ALA A 400 31.77 -5.53 -10.93
N GLN A 401 31.67 -5.62 -9.61
CA GLN A 401 31.60 -6.90 -8.91
C GLN A 401 30.26 -6.99 -8.21
N THR A 402 29.43 -7.95 -8.60
CA THR A 402 28.07 -8.09 -8.07
C THR A 402 27.81 -9.44 -7.43
N ILE A 403 26.75 -9.52 -6.63
CA ILE A 403 26.30 -10.76 -6.02
C ILE A 403 24.84 -11.05 -6.44
N SER A 404 24.62 -12.22 -7.03
CA SER A 404 23.25 -12.65 -7.36
C SER A 404 22.45 -12.88 -6.07
N GLN A 405 21.24 -12.33 -6.02
CA GLN A 405 20.44 -12.35 -4.79
C GLN A 405 19.34 -13.39 -4.79
N GLY A 406 19.23 -14.12 -5.89
CA GLY A 406 18.24 -15.17 -6.01
C GLY A 406 16.85 -14.61 -6.22
N GLY A 407 15.85 -15.39 -5.84
CA GLY A 407 14.46 -15.02 -6.04
C GLY A 407 13.81 -14.57 -4.75
N TRP A 408 12.72 -13.83 -4.90
CA TRP A 408 11.80 -13.54 -3.81
C TRP A 408 10.38 -13.77 -4.31
N CYS A 409 9.69 -14.71 -3.68
CA CYS A 409 8.30 -15.04 -4.01
C CYS A 409 8.05 -15.10 -5.52
N GLY A 410 8.94 -15.79 -6.24
CA GLY A 410 8.82 -15.98 -7.69
C GLY A 410 9.35 -14.84 -8.56
N PHE A 411 9.72 -13.73 -7.94
CA PHE A 411 10.35 -12.58 -8.63
C PHE A 411 11.87 -12.71 -8.56
N ASP A 412 12.56 -12.17 -9.55
CA ASP A 412 14.02 -12.08 -9.52
C ASP A 412 14.44 -10.85 -8.74
N ARG A 413 15.29 -11.04 -7.74
CA ARG A 413 15.79 -9.94 -6.94
C ARG A 413 16.87 -9.19 -7.72
N PRO A 414 17.00 -7.87 -7.52
CA PRO A 414 18.13 -7.18 -8.13
C PRO A 414 19.46 -7.75 -7.61
N ASP A 415 20.54 -7.51 -8.33
CA ASP A 415 21.86 -7.87 -7.83
C ASP A 415 22.28 -6.96 -6.67
N MET A 416 23.42 -7.29 -6.06
CA MET A 416 23.99 -6.42 -5.04
C MET A 416 25.49 -6.32 -5.27
N LEU A 417 25.96 -5.11 -5.59
CA LEU A 417 27.38 -4.81 -5.65
C LEU A 417 28.06 -5.36 -4.40
N LYS A 418 29.19 -6.05 -4.59
CA LYS A 418 30.06 -6.44 -3.49
C LYS A 418 30.42 -5.18 -2.71
N THR A 419 30.13 -5.16 -1.43
CA THR A 419 30.29 -3.96 -0.60
C THR A 419 31.76 -3.55 -0.50
N TYR A 420 32.63 -4.56 -0.53
CA TYR A 420 34.07 -4.37 -0.67
C TYR A 420 34.65 -5.40 -1.64
N VAL A 421 35.80 -5.07 -2.23
CA VAL A 421 36.48 -5.95 -3.19
C VAL A 421 37.95 -6.15 -2.79
N ASN A 422 38.70 -6.91 -3.58
CA ASN A 422 40.14 -7.08 -3.34
C ASN A 422 40.85 -5.84 -3.86
N GLU A 423 42.07 -5.60 -3.38
CA GLU A 423 42.95 -4.58 -3.96
C GLU A 423 43.19 -4.92 -5.43
N GLY A 424 43.21 -3.90 -6.28
CA GLY A 424 43.39 -4.09 -7.72
C GLY A 424 42.08 -4.35 -8.47
N GLU A 425 40.98 -4.40 -7.73
CA GLU A 425 39.65 -4.47 -8.32
C GLU A 425 38.96 -3.10 -8.22
N ALA A 426 38.16 -2.77 -9.23
CA ALA A 426 37.30 -1.59 -9.22
C ALA A 426 36.22 -1.72 -8.13
N ASP A 427 36.07 -0.68 -7.31
CA ASP A 427 35.07 -0.69 -6.24
C ASP A 427 33.80 0.06 -6.63
N TYR A 428 32.83 -0.68 -7.18
CA TYR A 428 31.62 -0.07 -7.69
C TYR A 428 30.58 0.26 -6.63
N PHE A 429 30.69 -0.33 -5.45
CA PHE A 429 29.86 0.13 -4.34
C PHE A 429 30.17 1.60 -4.08
N GLN A 430 31.46 1.94 -4.04
CA GLN A 430 31.90 3.29 -3.72
C GLN A 430 31.52 4.30 -4.80
N LYS A 431 31.63 3.87 -6.06
CA LYS A 431 31.30 4.72 -7.20
C LYS A 431 29.79 5.02 -7.29
N VAL A 432 28.97 3.99 -7.08
CA VAL A 432 27.53 4.10 -7.27
C VAL A 432 26.88 4.74 -6.06
N ALA A 433 27.37 4.42 -4.86
CA ALA A 433 26.93 5.08 -3.63
C ALA A 433 27.24 6.59 -3.61
N ASP A 434 28.38 6.97 -4.20
CA ASP A 434 28.78 8.38 -4.25
C ASP A 434 27.81 9.17 -5.13
N VAL A 435 27.52 8.61 -6.30
CA VAL A 435 26.50 9.17 -7.18
C VAL A 435 25.11 9.18 -6.53
N PHE A 436 24.71 8.07 -5.90
CA PHE A 436 23.36 7.97 -5.34
C PHE A 436 23.04 9.08 -4.35
N TYR A 437 23.94 9.30 -3.41
CA TYR A 437 23.75 10.29 -2.37
C TYR A 437 23.77 11.72 -2.93
N GLU A 438 24.55 11.91 -3.99
CA GLU A 438 24.63 13.18 -4.70
C GLU A 438 23.40 13.50 -5.52
N LYS A 439 22.87 12.49 -6.18
CA LYS A 439 21.65 12.65 -6.96
C LYS A 439 20.43 12.82 -6.08
N GLN A 440 20.46 12.22 -4.89
CA GLN A 440 19.39 12.41 -3.90
C GLN A 440 19.40 13.83 -3.34
N LYS A 441 20.59 14.42 -3.21
CA LYS A 441 20.73 15.85 -2.90
C LYS A 441 20.25 16.74 -4.04
N GLU A 442 20.59 16.36 -5.27
CA GLU A 442 20.18 17.10 -6.47
C GLU A 442 18.67 17.19 -6.59
N VAL A 443 17.96 16.12 -6.22
CA VAL A 443 16.50 16.06 -6.36
C VAL A 443 15.73 16.70 -5.20
N PHE A 444 16.28 16.67 -3.98
CA PHE A 444 15.54 17.09 -2.77
C PHE A 444 16.25 18.04 -1.82
N GLY A 445 17.57 18.17 -1.97
CA GLY A 445 18.39 18.97 -1.07
C GLY A 445 18.60 18.33 0.28
N ASP A 446 19.23 19.07 1.18
CA ASP A 446 19.47 18.60 2.54
C ASP A 446 18.21 18.74 3.38
N VAL A 447 17.38 17.70 3.41
CA VAL A 447 16.14 17.78 4.17
C VAL A 447 16.12 16.94 5.44
N THR A 448 17.13 16.09 5.62
CA THR A 448 17.12 15.14 6.72
C THR A 448 18.49 14.50 6.95
N ASN A 449 18.70 14.03 8.18
CA ASN A 449 19.86 13.23 8.57
C ASN A 449 19.52 11.75 8.69
N PHE A 450 18.27 11.39 8.36
CA PHE A 450 17.79 10.01 8.54
C PHE A 450 17.63 9.30 7.21
N TYR A 451 18.35 8.19 7.06
CA TYR A 451 18.39 7.43 5.82
C TYR A 451 18.06 5.99 6.09
N GLY A 452 17.24 5.40 5.23
CA GLY A 452 16.81 4.02 5.39
C GLY A 452 17.31 3.13 4.26
N VAL A 453 17.85 1.98 4.63
CA VAL A 453 18.17 0.93 3.66
C VAL A 453 18.32 -0.37 4.43
N ASP A 454 17.93 -1.48 3.79
CA ASP A 454 17.88 -2.78 4.44
C ASP A 454 18.32 -3.86 3.47
N PRO A 455 19.62 -4.15 3.40
CA PRO A 455 20.08 -5.29 2.60
C PRO A 455 19.65 -6.62 3.21
N PHE A 456 19.43 -7.61 2.34
CA PHE A 456 19.07 -8.97 2.75
C PHE A 456 17.74 -9.02 3.49
N HIS A 457 16.79 -8.24 3.00
CA HIS A 457 15.44 -8.23 3.56
C HIS A 457 14.65 -9.39 2.98
N GLU A 458 14.27 -10.31 3.86
CA GLU A 458 13.59 -11.56 3.52
C GLU A 458 14.36 -12.41 2.48
N GLY A 459 15.65 -12.57 2.72
CA GLY A 459 16.48 -13.44 1.88
C GLY A 459 17.67 -12.77 1.24
N GLY A 460 17.92 -13.09 -0.03
CA GLY A 460 19.14 -12.66 -0.69
C GLY A 460 20.32 -13.57 -0.41
N ASN A 461 21.52 -13.01 -0.50
CA ASN A 461 22.77 -13.77 -0.46
C ASN A 461 23.96 -12.86 -0.17
N THR A 462 24.69 -13.18 0.89
CA THR A 462 25.84 -12.35 1.29
C THR A 462 27.14 -12.79 0.59
N GLY A 463 27.05 -13.71 -0.35
CA GLY A 463 28.21 -14.18 -1.12
C GLY A 463 29.37 -14.63 -0.25
N ASP A 464 30.56 -14.13 -0.57
CA ASP A 464 31.78 -14.42 0.20
C ASP A 464 32.07 -13.37 1.28
N LEU A 465 31.23 -12.36 1.39
CA LEU A 465 31.52 -11.19 2.23
C LEU A 465 31.27 -11.46 3.72
N ASP A 466 32.00 -10.74 4.58
CA ASP A 466 31.78 -10.78 6.03
C ASP A 466 30.59 -9.89 6.38
N ASN A 467 29.61 -10.48 7.08
CA ASN A 467 28.39 -9.80 7.50
C ASN A 467 28.55 -8.47 8.23
N GLY A 468 29.46 -8.43 9.21
CA GLY A 468 29.70 -7.21 9.99
C GLY A 468 30.37 -6.13 9.17
N LYS A 469 31.34 -6.53 8.35
CA LYS A 469 32.09 -5.62 7.48
C LYS A 469 31.20 -4.92 6.44
N ILE A 470 30.19 -5.63 5.94
CA ILE A 470 29.17 -5.05 5.07
C ILE A 470 28.51 -3.86 5.76
N TYR A 471 28.01 -4.06 6.98
CA TYR A 471 27.30 -3.01 7.73
C TYR A 471 28.20 -1.89 8.21
N GLU A 472 29.48 -2.19 8.40
CA GLU A 472 30.47 -1.16 8.70
C GLU A 472 30.65 -0.20 7.53
N ILE A 473 30.81 -0.75 6.33
CA ILE A 473 31.11 0.06 5.14
C ILE A 473 29.89 0.87 4.65
N ILE A 474 28.72 0.25 4.62
CA ILE A 474 27.47 0.94 4.28
C ILE A 474 27.22 2.18 5.16
N GLN A 475 27.45 2.04 6.46
CA GLN A 475 27.32 3.16 7.38
C GLN A 475 28.39 4.23 7.14
N ASN A 476 29.65 3.81 7.09
CA ASN A 476 30.75 4.74 6.86
C ASN A 476 30.51 5.59 5.61
N LYS A 477 30.00 4.96 4.56
CA LYS A 477 29.68 5.64 3.28
C LYS A 477 28.51 6.64 3.40
N MET A 478 27.50 6.27 4.18
CA MET A 478 26.36 7.12 4.46
C MET A 478 26.79 8.37 5.25
N ILE A 479 27.64 8.14 6.25
CA ILE A 479 28.18 9.22 7.09
C ILE A 479 29.14 10.10 6.27
N GLU A 480 29.80 9.51 5.27
CA GLU A 480 30.67 10.26 4.38
C GLU A 480 29.93 11.46 3.75
N HIS A 481 28.70 11.22 3.29
CA HIS A 481 27.95 12.22 2.56
C HIS A 481 27.04 13.08 3.42
N ASP A 482 26.82 12.65 4.66
CA ASP A 482 26.11 13.41 5.68
C ASP A 482 26.71 12.98 7.01
N ASN A 483 27.57 13.83 7.59
CA ASN A 483 28.27 13.46 8.83
C ASN A 483 27.35 13.24 10.03
N ASP A 484 26.16 13.83 9.99
CA ASP A 484 25.17 13.70 11.07
C ASP A 484 24.19 12.55 10.84
N ALA A 485 24.32 11.90 9.68
CA ALA A 485 23.46 10.78 9.26
C ALA A 485 23.18 9.74 10.34
N VAL A 486 21.92 9.27 10.36
CA VAL A 486 21.50 8.16 11.21
C VAL A 486 20.89 7.12 10.27
N TRP A 487 21.44 5.91 10.27
CA TRP A 487 20.96 4.81 9.44
C TRP A 487 19.81 4.11 10.13
N VAL A 488 18.61 4.31 9.58
CA VAL A 488 17.41 3.66 10.09
C VAL A 488 17.35 2.25 9.53
N ILE A 489 17.38 1.26 10.42
CA ILE A 489 17.43 -0.16 10.08
C ILE A 489 16.19 -0.89 10.62
N GLN A 490 15.52 -1.64 9.74
CA GLN A 490 14.40 -2.49 10.14
C GLN A 490 14.89 -3.75 10.84
N ASN A 491 14.17 -4.15 11.86
CA ASN A 491 14.46 -5.40 12.56
C ASN A 491 13.31 -6.38 12.33
N TRP A 492 13.51 -7.30 11.40
CA TRP A 492 12.46 -8.25 11.01
C TRP A 492 12.98 -9.69 11.03
N GLN A 493 12.25 -10.54 11.73
CA GLN A 493 12.55 -11.98 11.91
C GLN A 493 14.02 -12.26 12.25
N GLY A 494 14.56 -11.51 13.22
CA GLY A 494 15.93 -11.71 13.72
C GLY A 494 17.05 -11.22 12.83
N ASN A 495 16.69 -10.58 11.72
CA ASN A 495 17.66 -10.01 10.80
C ASN A 495 17.51 -8.49 10.74
N PRO A 496 18.63 -7.74 10.73
CA PRO A 496 20.05 -8.16 10.74
C PRO A 496 20.49 -8.84 12.03
N SER A 497 21.22 -9.94 11.89
CA SER A 497 21.77 -10.65 13.04
C SER A 497 22.71 -9.77 13.86
N ASN A 498 22.95 -10.17 15.11
CA ASN A 498 23.90 -9.47 15.97
C ASN A 498 25.23 -9.24 15.27
N ASN A 499 25.59 -10.13 14.36
CA ASN A 499 26.91 -10.10 13.73
C ASN A 499 27.00 -8.99 12.68
N LYS A 500 25.95 -8.82 11.90
CA LYS A 500 25.79 -7.63 11.07
C LYS A 500 25.76 -6.37 11.92
N LEU A 501 24.94 -6.37 12.96
CA LEU A 501 24.76 -5.20 13.82
C LEU A 501 26.00 -4.78 14.59
N GLU A 502 26.85 -5.75 14.93
CA GLU A 502 28.10 -5.48 15.65
C GLU A 502 29.13 -4.83 14.74
N GLY A 503 28.87 -4.85 13.43
CA GLY A 503 29.71 -4.18 12.45
C GLY A 503 29.56 -2.67 12.46
N LEU A 504 28.42 -2.19 12.97
CA LEU A 504 28.16 -0.75 13.13
C LEU A 504 29.16 -0.10 14.08
N THR A 505 30.15 0.59 13.51
CA THR A 505 31.20 1.21 14.34
C THR A 505 30.70 2.42 15.12
N LYS A 506 29.70 3.12 14.58
CA LYS A 506 29.11 4.27 15.27
C LYS A 506 27.66 4.00 15.66
N LYS A 507 27.48 3.60 16.91
CA LYS A 507 26.17 3.22 17.44
C LYS A 507 25.16 4.37 17.48
N ASP A 508 25.62 5.56 17.84
CA ASP A 508 24.82 6.80 17.84
C ASP A 508 24.19 7.12 16.49
N GLN A 509 24.80 6.62 15.41
CA GLN A 509 24.37 6.98 14.07
C GLN A 509 23.65 5.83 13.35
N ALA A 510 23.00 4.99 14.15
CA ALA A 510 22.11 3.95 13.66
C ALA A 510 20.87 3.93 14.55
N MET A 511 19.73 3.54 13.98
CA MET A 511 18.49 3.45 14.75
C MET A 511 17.67 2.27 14.28
N VAL A 512 17.46 1.31 15.17
CA VAL A 512 16.84 0.07 14.78
C VAL A 512 15.35 0.05 15.10
N LEU A 513 14.54 -0.19 14.08
CA LEU A 513 13.09 -0.34 14.26
C LEU A 513 12.73 -1.78 14.62
N ASP A 514 12.43 -2.01 15.90
CA ASP A 514 11.80 -3.24 16.35
C ASP A 514 10.39 -3.27 15.75
N LEU A 515 10.23 -3.99 14.65
CA LEU A 515 9.07 -3.83 13.77
C LEU A 515 7.77 -4.38 14.33
N PHE A 516 7.86 -5.38 15.22
CA PHE A 516 6.70 -6.17 15.63
C PHE A 516 6.62 -6.23 17.16
N SER A 517 6.87 -5.10 17.81
CA SER A 517 7.06 -5.07 19.26
C SER A 517 5.83 -5.49 20.08
N GLU A 518 4.65 -5.44 19.46
CA GLU A 518 3.40 -5.71 20.18
C GLU A 518 2.97 -7.19 20.12
N VAL A 519 3.58 -7.96 19.23
CA VAL A 519 3.33 -9.40 19.14
C VAL A 519 4.61 -10.16 19.42
N SER A 520 5.72 -9.67 18.87
CA SER A 520 7.00 -10.36 19.00
C SER A 520 8.16 -9.39 19.17
N PRO A 521 8.36 -8.86 20.40
CA PRO A 521 9.43 -7.88 20.59
C PRO A 521 10.79 -8.54 20.49
N ASP A 522 11.78 -7.76 20.07
CA ASP A 522 13.11 -8.28 19.82
C ASP A 522 14.11 -7.12 19.99
N TRP A 523 13.88 -6.30 21.02
CA TRP A 523 14.72 -5.15 21.30
C TRP A 523 15.80 -5.43 22.33
N ASN A 524 15.69 -6.56 23.01
CA ASN A 524 16.68 -6.93 24.02
C ASN A 524 18.08 -7.05 23.43
N ARG A 525 18.20 -7.79 22.33
CA ARG A 525 19.45 -7.91 21.55
C ARG A 525 20.01 -6.56 21.10
N LEU A 526 19.12 -5.61 20.81
CA LEU A 526 19.51 -4.26 20.36
C LEU A 526 20.00 -3.42 21.54
N GLU A 527 19.22 -3.43 22.61
CA GLU A 527 19.55 -2.75 23.86
C GLU A 527 20.87 -3.23 24.47
N GLU A 528 21.14 -4.53 24.39
CA GLU A 528 22.41 -5.11 24.86
C GLU A 528 23.63 -4.63 24.08
N ARG A 529 23.41 -4.19 22.85
CA ARG A 529 24.48 -3.70 22.00
C ARG A 529 24.54 -2.17 21.94
N ASP A 530 23.88 -1.54 22.91
CA ASP A 530 23.84 -0.08 23.07
C ASP A 530 23.33 0.66 21.82
N LEU A 531 22.45 0.01 21.08
CA LEU A 531 21.89 0.52 19.85
C LEU A 531 20.62 1.32 20.14
N PRO A 532 20.54 2.57 19.64
CA PRO A 532 19.29 3.32 19.68
C PRO A 532 18.21 2.55 18.93
N TRP A 533 17.03 2.42 19.54
CA TRP A 533 15.97 1.65 18.92
C TRP A 533 14.58 2.25 19.17
N ILE A 534 13.64 1.93 18.28
CA ILE A 534 12.23 2.33 18.42
C ILE A 534 11.31 1.10 18.60
N TRP A 535 10.37 1.24 19.54
CA TRP A 535 9.36 0.22 19.84
C TRP A 535 8.16 0.40 18.92
N ASN A 536 7.85 -0.58 18.07
CA ASN A 536 6.79 -0.38 17.05
C ASN A 536 5.61 -1.33 17.15
N MET A 537 4.42 -0.78 16.89
CA MET A 537 3.24 -1.58 16.69
C MET A 537 3.07 -1.86 15.19
N LEU A 538 3.21 -3.12 14.81
CA LEU A 538 2.97 -3.53 13.43
C LEU A 538 1.48 -3.69 13.15
N HIS A 539 0.86 -4.67 13.79
CA HIS A 539 -0.59 -4.78 13.79
C HIS A 539 -1.11 -5.32 12.47
N ASN A 540 -0.92 -4.55 11.41
CA ASN A 540 -1.62 -4.79 10.15
C ASN A 540 -0.73 -5.45 9.10
N PHE A 541 -1.17 -6.60 8.61
CA PHE A 541 -0.47 -7.27 7.51
C PHE A 541 -1.30 -7.24 6.25
N GLY A 542 -0.74 -6.63 5.19
CA GLY A 542 -1.32 -6.65 3.84
C GLY A 542 -2.59 -5.87 3.61
N GLY A 543 -3.06 -5.16 4.63
CA GLY A 543 -4.34 -4.45 4.56
C GLY A 543 -5.50 -5.39 4.79
N ARG A 544 -5.19 -6.56 5.33
CA ARG A 544 -6.19 -7.56 5.65
C ARG A 544 -7.03 -7.09 6.84
N MET A 545 -8.34 -7.19 6.68
CA MET A 545 -9.28 -6.56 7.57
C MET A 545 -9.90 -7.56 8.54
N GLY A 546 -10.28 -7.05 9.71
CA GLY A 546 -10.86 -7.88 10.76
C GLY A 546 -10.66 -7.21 12.10
N MET A 547 -11.60 -7.43 13.01
CA MET A 547 -11.50 -6.87 14.35
C MET A 547 -10.35 -7.53 15.13
N ASP A 548 -9.30 -6.73 15.37
CA ASP A 548 -8.07 -7.20 16.01
C ASP A 548 -7.25 -6.01 16.47
N ALA A 549 -6.80 -6.05 17.71
CA ALA A 549 -5.95 -5.01 18.28
C ALA A 549 -5.40 -5.49 19.63
N ALA A 550 -4.33 -4.84 20.10
CA ALA A 550 -3.69 -5.23 21.36
C ALA A 550 -3.62 -4.10 22.39
N PRO A 551 -4.78 -3.52 22.76
CA PRO A 551 -4.79 -2.31 23.59
C PRO A 551 -4.14 -2.46 24.97
N GLU A 552 -4.31 -3.61 25.63
CA GLU A 552 -3.73 -3.84 26.95
C GLU A 552 -2.20 -3.85 26.92
N LYS A 553 -1.62 -4.50 25.92
CA LYS A 553 -0.16 -4.54 25.75
C LYS A 553 0.42 -3.16 25.48
N LEU A 554 -0.26 -2.38 24.65
CA LEU A 554 0.12 -1.00 24.39
C LEU A 554 0.09 -0.18 25.68
N ALA A 555 -1.00 -0.34 26.44
CA ALA A 555 -1.18 0.39 27.69
C ALA A 555 -0.16 0.02 28.76
N THR A 556 0.34 -1.22 28.71
CA THR A 556 1.30 -1.70 29.70
C THR A 556 2.76 -1.78 29.22
N GLU A 557 3.00 -2.43 28.08
CA GLU A 557 4.36 -2.80 27.63
C GLU A 557 5.23 -1.64 27.15
N ILE A 558 4.61 -0.60 26.62
CA ILE A 558 5.36 0.59 26.20
C ILE A 558 6.04 1.30 27.39
N PRO A 559 5.26 1.71 28.42
CA PRO A 559 5.92 2.32 29.59
C PRO A 559 6.90 1.39 30.32
N LYS A 560 6.61 0.09 30.30
CA LYS A 560 7.47 -0.90 30.95
C LYS A 560 8.81 -1.02 30.25
N ALA A 561 8.80 -0.86 28.92
CA ALA A 561 10.02 -0.91 28.11
C ALA A 561 10.86 0.33 28.35
N LEU A 562 10.21 1.48 28.49
CA LEU A 562 10.88 2.74 28.79
C LEU A 562 11.68 2.64 30.08
N ALA A 563 11.07 2.03 31.11
CA ALA A 563 11.69 1.86 32.42
C ALA A 563 12.81 0.81 32.43
N ASN A 564 12.65 -0.24 31.61
CA ASN A 564 13.61 -1.37 31.57
C ASN A 564 14.77 -1.20 30.59
N SER A 565 15.01 0.02 30.12
CA SER A 565 15.98 0.24 29.05
C SER A 565 16.69 1.59 29.13
N GLU A 566 17.80 1.70 28.41
CA GLU A 566 18.57 2.92 28.33
C GLU A 566 18.68 3.45 26.90
N HIS A 567 18.23 2.66 25.93
CA HIS A 567 18.44 3.00 24.50
C HIS A 567 17.19 3.12 23.63
N MET A 568 16.03 3.05 24.27
CA MET A 568 14.75 3.24 23.58
C MET A 568 14.60 4.73 23.25
N VAL A 569 14.80 5.08 21.98
CA VAL A 569 14.72 6.49 21.56
C VAL A 569 13.36 6.89 20.96
N GLY A 570 12.37 6.01 21.06
CA GLY A 570 11.05 6.33 20.54
C GLY A 570 10.07 5.20 20.42
N ILE A 571 8.85 5.52 20.01
CA ILE A 571 7.81 4.51 19.70
C ILE A 571 7.26 4.82 18.32
N GLY A 572 6.42 3.95 17.78
CA GLY A 572 5.85 4.21 16.47
C GLY A 572 5.02 3.13 15.84
N ILE A 573 4.71 3.34 14.57
CA ILE A 573 3.87 2.40 13.84
C ILE A 573 4.55 1.94 12.56
N THR A 574 4.40 0.64 12.30
CA THR A 574 5.00 0.01 11.15
C THR A 574 4.00 -0.89 10.42
N PRO A 575 2.77 -0.40 10.17
CA PRO A 575 1.77 -1.29 9.57
C PRO A 575 1.95 -1.38 8.06
N GLU A 576 1.53 -2.50 7.48
CA GLU A 576 1.67 -2.70 6.03
C GLU A 576 0.60 -1.92 5.29
N ALA A 577 -0.46 -1.58 6.01
CA ALA A 577 -1.55 -0.74 5.52
C ALA A 577 -2.14 -0.02 6.71
N ILE A 578 -2.61 1.20 6.49
CA ILE A 578 -3.42 1.91 7.48
C ILE A 578 -4.86 1.97 6.96
N ASN A 579 -5.66 0.97 7.32
CA ASN A 579 -7.04 0.85 6.83
C ASN A 579 -7.99 0.16 7.80
N THR A 580 -7.54 -0.01 9.04
CA THR A 580 -8.21 -0.94 9.95
C THR A 580 -7.93 -0.61 11.43
N ASN A 581 -8.95 -0.82 12.27
CA ASN A 581 -8.84 -0.73 13.74
C ASN A 581 -8.24 0.56 14.28
N PRO A 582 -8.93 1.71 14.11
CA PRO A 582 -8.39 3.01 14.54
C PRO A 582 -8.04 3.12 16.03
N LEU A 583 -8.67 2.29 16.87
CA LEU A 583 -8.37 2.24 18.30
C LEU A 583 -6.87 2.01 18.52
N ALA A 584 -6.35 0.95 17.91
CA ALA A 584 -4.94 0.57 18.07
C ALA A 584 -3.98 1.71 17.85
N TYR A 585 -4.20 2.49 16.79
CA TYR A 585 -3.29 3.58 16.37
C TYR A 585 -3.43 4.83 17.21
N GLU A 586 -4.66 5.07 17.68
CA GLU A 586 -4.96 6.14 18.60
C GLU A 586 -4.28 5.88 19.95
N LEU A 587 -4.44 4.66 20.47
CA LEU A 587 -3.82 4.29 21.74
C LEU A 587 -2.29 4.30 21.71
N LEU A 588 -1.70 3.78 20.63
CA LEU A 588 -0.25 3.73 20.55
C LEU A 588 0.37 5.13 20.59
N PHE A 589 -0.15 6.05 19.79
CA PHE A 589 0.40 7.42 19.78
C PHE A 589 0.15 8.20 21.06
N ASP A 590 -0.94 7.86 21.74
CA ASP A 590 -1.19 8.35 23.10
C ASP A 590 -0.10 7.93 24.08
N MET A 591 0.37 6.69 23.96
CA MET A 591 1.36 6.12 24.88
C MET A 591 2.72 6.80 24.84
N ALA A 592 2.90 7.72 23.89
CA ALA A 592 4.09 8.54 23.80
C ALA A 592 4.14 9.62 24.87
N TRP A 593 2.96 10.00 25.38
CA TRP A 593 2.84 11.14 26.28
C TRP A 593 2.66 10.74 27.75
N THR A 594 3.16 9.56 28.10
CA THR A 594 3.16 9.08 29.48
C THR A 594 4.40 8.23 29.78
N ARG A 595 4.81 8.23 31.05
CA ARG A 595 5.90 7.39 31.55
C ARG A 595 5.32 6.26 32.40
N ASP A 596 4.02 6.36 32.67
CA ASP A 596 3.30 5.41 33.49
C ASP A 596 2.38 4.54 32.65
N GLN A 597 2.15 3.31 33.11
CA GLN A 597 1.12 2.45 32.53
C GLN A 597 -0.24 3.11 32.68
N ILE A 598 -1.16 2.82 31.76
CA ILE A 598 -2.52 3.32 31.88
C ILE A 598 -3.54 2.17 31.86
N ASN A 599 -4.78 2.50 32.23
CA ASN A 599 -5.88 1.55 32.21
C ASN A 599 -6.53 1.50 30.83
N PHE A 600 -6.31 0.39 30.13
CA PHE A 600 -6.80 0.26 28.75
C PHE A 600 -8.33 0.26 28.65
N ARG A 601 -8.98 -0.22 29.70
CA ARG A 601 -10.43 -0.34 29.75
C ARG A 601 -11.12 1.00 29.87
N THR A 602 -10.60 1.85 30.76
CA THR A 602 -11.16 3.19 30.95
C THR A 602 -10.67 4.15 29.87
N TRP A 603 -9.50 3.87 29.30
CA TRP A 603 -9.04 4.62 28.12
C TRP A 603 -10.03 4.45 26.97
N THR A 604 -10.49 3.21 26.76
CA THR A 604 -11.44 2.86 25.69
C THR A 604 -12.81 3.52 25.91
N GLU A 605 -13.26 3.49 27.15
CA GLU A 605 -14.48 4.16 27.57
C GLU A 605 -14.45 5.64 27.19
N ASP A 606 -13.32 6.30 27.44
CA ASP A 606 -13.13 7.69 27.05
C ASP A 606 -13.05 7.87 25.54
N TYR A 607 -12.35 6.93 24.88
CA TYR A 607 -12.11 7.00 23.45
C TYR A 607 -13.40 6.92 22.63
N ILE A 608 -14.28 5.99 23.00
CA ILE A 608 -15.53 5.78 22.26
C ILE A 608 -16.51 6.96 22.35
N GLU A 609 -16.50 7.65 23.49
CA GLU A 609 -17.37 8.83 23.68
C GLU A 609 -17.03 9.95 22.70
N ARG A 610 -15.74 10.27 22.60
CA ARG A 610 -15.28 11.32 21.69
C ARG A 610 -15.37 10.89 20.23
N ARG A 611 -15.27 9.59 19.98
CA ARG A 611 -15.39 9.03 18.63
C ARG A 611 -16.84 9.06 18.13
N TYR A 612 -17.79 8.68 18.99
CA TYR A 612 -19.21 8.68 18.63
C TYR A 612 -19.92 10.01 18.90
N GLY A 613 -19.29 10.85 19.72
CA GLY A 613 -19.84 12.15 20.10
C GLY A 613 -20.70 12.06 21.34
N LYS A 614 -20.95 10.83 21.80
CA LYS A 614 -21.87 10.52 22.89
C LYS A 614 -21.63 9.06 23.29
N THR A 615 -22.18 8.66 24.42
CA THR A 615 -22.04 7.28 24.89
C THR A 615 -23.19 6.92 25.83
N ASN A 616 -23.32 5.62 26.13
CA ASN A 616 -24.25 5.15 27.16
C ASN A 616 -23.78 3.83 27.76
N LYS A 617 -24.50 3.35 28.73
CA LYS A 617 -24.25 2.11 29.39
C LYS A 617 -24.11 0.91 28.44
N GLU A 618 -25.00 0.79 27.49
CA GLU A 618 -25.04 -0.32 26.52
C GLU A 618 -23.87 -0.28 25.52
N ILE A 619 -23.63 0.88 24.93
CA ILE A 619 -22.51 1.09 24.00
C ILE A 619 -21.16 0.77 24.67
N LEU A 620 -21.01 1.18 25.92
CA LEU A 620 -19.84 0.86 26.76
C LEU A 620 -19.69 -0.65 26.94
N GLU A 621 -20.78 -1.31 27.27
CA GLU A 621 -20.76 -2.74 27.53
C GLU A 621 -20.52 -3.56 26.25
N ALA A 622 -20.95 -3.02 25.10
CA ALA A 622 -20.62 -3.62 23.81
C ALA A 622 -19.11 -3.52 23.55
N TRP A 623 -18.54 -2.37 23.87
CA TRP A 623 -17.11 -2.17 23.73
C TRP A 623 -16.28 -3.02 24.71
N ASN A 624 -16.79 -3.20 25.93
CA ASN A 624 -16.21 -4.17 26.86
C ASN A 624 -16.26 -5.61 26.31
N ILE A 625 -17.34 -5.98 25.65
CA ILE A 625 -17.42 -7.27 24.93
C ILE A 625 -16.35 -7.35 23.83
N ILE A 626 -16.17 -6.29 23.07
CA ILE A 626 -15.12 -6.22 22.04
C ILE A 626 -13.74 -6.36 22.69
N LEU A 627 -13.52 -5.64 23.79
CA LEU A 627 -12.27 -5.77 24.55
C LEU A 627 -12.07 -7.17 25.15
N ASP A 628 -13.16 -7.86 25.45
CA ASP A 628 -13.09 -9.19 26.05
C ASP A 628 -12.95 -10.30 25.01
N THR A 629 -13.17 -9.95 23.75
CA THR A 629 -13.17 -10.93 22.66
C THR A 629 -12.11 -10.62 21.60
N ALA A 630 -12.49 -9.83 20.59
CA ALA A 630 -11.63 -9.56 19.44
C ALA A 630 -10.36 -8.78 19.82
N TYR A 631 -10.47 -7.97 20.87
CA TYR A 631 -9.40 -7.10 21.34
C TYR A 631 -8.72 -7.61 22.61
N LYS A 632 -9.11 -8.80 23.07
CA LYS A 632 -8.50 -9.41 24.25
C LYS A 632 -7.01 -9.67 24.06
N LYS A 633 -6.26 -9.48 25.13
CA LYS A 633 -4.83 -9.76 25.15
C LYS A 633 -4.57 -11.23 24.89
N ARG A 634 -3.69 -11.51 23.93
CA ARG A 634 -3.26 -12.87 23.64
C ARG A 634 -1.74 -12.98 23.66
N ASN A 635 -1.24 -14.20 23.87
CA ASN A 635 0.19 -14.43 24.06
C ASN A 635 0.78 -15.39 23.04
N ASP A 636 0.09 -15.55 21.93
CA ASP A 636 0.58 -16.36 20.84
C ASP A 636 1.16 -15.51 19.75
N TYR A 637 1.82 -16.14 18.81
CA TYR A 637 2.29 -15.45 17.63
C TYR A 637 1.25 -15.62 16.57
N TYR A 638 1.16 -14.61 15.70
CA TYR A 638 0.04 -14.42 14.80
C TYR A 638 0.26 -13.22 13.92
N GLN A 639 -0.02 -13.35 12.64
CA GLN A 639 0.15 -12.24 11.73
C GLN A 639 -1.18 -11.71 11.21
N GLY A 640 -1.62 -10.59 11.76
CA GLY A 640 -2.79 -9.90 11.26
C GLY A 640 -4.05 -10.27 12.02
N ALA A 641 -5.12 -9.54 11.77
CA ALA A 641 -6.47 -10.02 12.07
C ALA A 641 -6.71 -11.40 11.45
N ALA A 642 -7.46 -12.23 12.16
CA ALA A 642 -7.94 -13.49 11.59
C ALA A 642 -8.58 -13.27 10.22
N GLU A 643 -8.32 -14.18 9.30
CA GLU A 643 -8.78 -14.04 7.93
C GLU A 643 -10.13 -14.67 7.73
N SER A 644 -10.94 -14.06 6.86
CA SER A 644 -12.27 -14.54 6.51
C SER A 644 -12.18 -15.66 5.46
N ILE A 645 -12.98 -16.71 5.65
CA ILE A 645 -13.12 -17.84 4.72
C ILE A 645 -13.73 -17.36 3.38
N ILE A 646 -14.52 -16.29 3.44
CA ILE A 646 -15.15 -15.69 2.27
C ILE A 646 -14.08 -15.31 1.26
N ASN A 647 -12.98 -14.77 1.77
CA ASN A 647 -11.86 -14.28 0.97
C ASN A 647 -10.87 -15.38 0.56
N ALA A 648 -11.18 -16.62 0.92
CA ALA A 648 -10.28 -17.76 0.64
C ALA A 648 -10.55 -18.43 -0.71
N ARG A 649 -9.50 -18.96 -1.31
CA ARG A 649 -9.60 -19.79 -2.51
C ARG A 649 -10.30 -21.05 -2.04
N PRO A 650 -11.46 -21.39 -2.65
CA PRO A 650 -12.26 -22.53 -2.19
C PRO A 650 -11.53 -23.88 -2.18
N GLY A 651 -12.02 -24.77 -1.32
CA GLY A 651 -11.45 -26.11 -1.16
C GLY A 651 -11.78 -26.67 0.21
N PHE A 652 -11.16 -27.81 0.54
CA PHE A 652 -11.40 -28.48 1.82
C PHE A 652 -10.24 -28.26 2.78
N GLY A 653 -10.55 -28.16 4.07
CA GLY A 653 -9.53 -28.02 5.11
C GLY A 653 -8.84 -26.67 5.13
N ILE A 654 -9.53 -25.65 4.59
CA ILE A 654 -9.00 -24.29 4.55
C ILE A 654 -8.83 -23.75 5.96
N LYS A 655 -7.65 -23.18 6.21
CA LYS A 655 -7.29 -22.57 7.48
C LYS A 655 -6.75 -21.15 7.32
N SER A 656 -6.98 -20.55 6.15
CA SER A 656 -6.61 -19.15 5.86
C SER A 656 -6.88 -18.81 4.39
N ALA A 657 -6.81 -17.52 4.06
CA ALA A 657 -6.94 -17.06 2.68
C ALA A 657 -5.57 -16.85 2.05
N SER A 658 -4.65 -16.26 2.81
CA SER A 658 -3.27 -16.06 2.39
C SER A 658 -2.40 -17.19 2.91
N THR A 659 -1.27 -17.41 2.26
CA THR A 659 -0.37 -18.54 2.55
C THR A 659 0.12 -18.60 4.01
N TRP A 660 0.74 -17.56 4.52
CA TRP A 660 1.19 -17.57 5.89
C TRP A 660 0.32 -16.77 6.83
N GLY A 661 -0.94 -17.06 6.77
CA GLY A 661 -1.95 -16.40 7.60
C GLY A 661 -2.82 -17.38 8.37
N HIS A 662 -3.75 -16.84 9.17
CA HIS A 662 -4.62 -17.66 10.00
C HIS A 662 -6.08 -17.24 9.95
N SER A 663 -6.96 -18.20 10.19
CA SER A 663 -8.40 -17.98 10.19
C SER A 663 -8.99 -18.40 11.53
N LYS A 664 -8.11 -18.67 12.50
CA LYS A 664 -8.55 -19.13 13.81
C LYS A 664 -9.06 -17.96 14.64
N ILE A 665 -10.31 -18.07 15.08
CA ILE A 665 -10.92 -17.12 15.99
C ILE A 665 -10.68 -17.57 17.44
N VAL A 666 -9.86 -16.79 18.13
CA VAL A 666 -9.34 -17.09 19.48
C VAL A 666 -10.35 -16.71 20.58
N TYR A 667 -11.45 -16.07 20.18
CA TYR A 667 -12.51 -15.71 21.11
C TYR A 667 -13.81 -16.47 20.83
N ASP A 668 -14.78 -16.31 21.74
CA ASP A 668 -16.07 -16.94 21.59
C ASP A 668 -16.95 -16.13 20.64
N LYS A 669 -17.46 -16.80 19.61
CA LYS A 669 -18.18 -16.15 18.52
C LYS A 669 -19.54 -15.58 18.93
N SER A 670 -20.34 -16.39 19.63
CA SER A 670 -21.64 -15.97 20.16
C SER A 670 -21.53 -14.79 21.13
N GLU A 671 -20.43 -14.75 21.90
CA GLU A 671 -20.17 -13.65 22.82
C GLU A 671 -19.96 -12.34 22.04
N PHE A 672 -19.11 -12.41 21.01
CA PHE A 672 -18.85 -11.27 20.13
C PHE A 672 -20.12 -10.73 19.44
N GLU A 673 -20.97 -11.64 18.96
CA GLU A 673 -22.28 -11.28 18.37
C GLU A 673 -23.19 -10.38 19.24
N LYS A 674 -23.07 -10.50 20.57
CA LYS A 674 -23.77 -9.62 21.52
C LYS A 674 -23.49 -8.14 21.27
N ALA A 675 -22.25 -7.83 20.91
CA ALA A 675 -21.87 -6.45 20.58
C ALA A 675 -22.68 -5.93 19.39
N ILE A 676 -22.92 -6.79 18.41
CA ILE A 676 -23.71 -6.41 17.22
C ILE A 676 -25.18 -6.19 17.60
N GLU A 677 -25.71 -7.07 18.45
CA GLU A 677 -27.05 -6.91 19.02
C GLU A 677 -27.23 -5.53 19.67
N ILE A 678 -26.23 -5.11 20.45
CA ILE A 678 -26.27 -3.84 21.15
C ILE A 678 -26.20 -2.66 20.17
N PHE A 679 -25.23 -2.71 19.27
CA PHE A 679 -25.11 -1.71 18.21
C PHE A 679 -26.41 -1.51 17.42
N ALA A 680 -27.05 -2.62 17.04
CA ALA A 680 -28.34 -2.59 16.33
C ALA A 680 -29.46 -1.99 17.19
N LYS A 681 -29.45 -2.33 18.47
CA LYS A 681 -30.41 -1.81 19.46
C LYS A 681 -30.26 -0.30 19.67
N ASN A 682 -29.03 0.21 19.52
CA ASN A 682 -28.77 1.65 19.67
C ASN A 682 -28.50 2.40 18.38
N TYR A 683 -28.75 1.74 17.24
CA TYR A 683 -28.50 2.32 15.91
C TYR A 683 -29.15 3.70 15.68
N ASP A 684 -30.47 3.79 15.87
CA ASP A 684 -31.20 5.03 15.62
C ASP A 684 -30.66 6.22 16.42
N GLU A 685 -30.20 5.95 17.64
CA GLU A 685 -29.66 7.00 18.50
C GLU A 685 -28.27 7.45 18.05
N PHE A 686 -27.49 6.53 17.46
CA PHE A 686 -26.08 6.79 17.12
C PHE A 686 -25.77 6.96 15.63
N LYS A 687 -26.76 6.75 14.75
CA LYS A 687 -26.56 6.84 13.29
C LYS A 687 -26.11 8.20 12.74
N ASP A 688 -26.24 9.25 13.55
CA ASP A 688 -25.76 10.58 13.20
C ASP A 688 -24.24 10.66 13.26
N SER A 689 -23.62 9.62 13.83
CA SER A 689 -22.16 9.53 13.92
C SER A 689 -21.62 8.63 12.81
N ASP A 690 -20.70 9.18 12.02
CA ASP A 690 -20.06 8.42 10.96
C ASP A 690 -19.08 7.38 11.50
N ALA A 691 -18.38 7.71 12.58
CA ALA A 691 -17.42 6.78 13.17
C ALA A 691 -18.14 5.61 13.84
N PHE A 692 -19.36 5.86 14.31
CA PHE A 692 -20.23 4.79 14.82
C PHE A 692 -20.66 3.83 13.70
N LEU A 693 -21.07 4.39 12.56
CA LEU A 693 -21.45 3.57 11.40
C LEU A 693 -20.26 2.74 10.90
N TYR A 694 -19.08 3.38 10.84
CA TYR A 694 -17.81 2.72 10.54
C TYR A 694 -17.58 1.46 11.39
N ASP A 695 -17.68 1.62 12.71
CA ASP A 695 -17.43 0.55 13.65
C ASP A 695 -18.50 -0.54 13.60
N PHE A 696 -19.76 -0.11 13.48
CA PHE A 696 -20.89 -1.02 13.26
C PHE A 696 -20.60 -1.91 12.06
N ALA A 697 -20.30 -1.31 10.90
CA ALA A 697 -19.93 -2.08 9.70
C ALA A 697 -18.76 -3.02 9.93
N ASP A 698 -17.81 -2.61 10.78
CA ASP A 698 -16.62 -3.42 11.11
C ASP A 698 -16.95 -4.68 11.91
N ILE A 699 -17.78 -4.52 12.94
CA ILE A 699 -18.15 -5.65 13.79
C ILE A 699 -19.20 -6.52 13.12
N LEU A 700 -20.08 -5.92 12.31
CA LEU A 700 -21.09 -6.68 11.59
C LEU A 700 -20.46 -7.57 10.50
N LYS A 701 -19.52 -7.00 9.74
CA LYS A 701 -18.78 -7.81 8.77
C LYS A 701 -17.85 -8.80 9.48
N GLN A 702 -17.46 -8.50 10.73
CA GLN A 702 -16.72 -9.47 11.54
C GLN A 702 -17.61 -10.62 11.99
N LEU A 703 -18.85 -10.30 12.39
CA LEU A 703 -19.86 -11.30 12.72
C LEU A 703 -20.10 -12.30 11.58
N LEU A 704 -20.22 -11.77 10.35
CA LEU A 704 -20.52 -12.60 9.19
C LEU A 704 -19.34 -13.42 8.69
N ALA A 705 -18.13 -12.89 8.84
CA ALA A 705 -16.91 -13.64 8.57
C ALA A 705 -16.84 -14.82 9.53
N ASN A 706 -17.03 -14.54 10.81
CA ASN A 706 -17.06 -15.57 11.85
C ASN A 706 -18.07 -16.69 11.60
N SER A 707 -19.31 -16.34 11.27
CA SER A 707 -20.35 -17.34 11.06
C SER A 707 -20.15 -18.12 9.76
N ALA A 708 -19.63 -17.44 8.73
CA ALA A 708 -19.37 -18.06 7.43
C ALA A 708 -18.49 -19.28 7.59
N GLN A 709 -17.47 -19.15 8.44
CA GLN A 709 -16.53 -20.21 8.74
C GLN A 709 -17.26 -21.45 9.22
N GLU A 710 -18.22 -21.26 10.14
CA GLU A 710 -19.00 -22.35 10.72
C GLU A 710 -19.86 -23.05 9.68
N TYR A 711 -20.51 -22.24 8.83
CA TYR A 711 -21.38 -22.72 7.77
C TYR A 711 -20.61 -23.49 6.69
N TYR A 712 -19.38 -23.06 6.44
CA TYR A 712 -18.46 -23.71 5.49
C TYR A 712 -18.14 -25.16 5.90
N GLU A 713 -18.03 -25.40 7.20
CA GLU A 713 -17.71 -26.72 7.72
C GLU A 713 -18.90 -27.65 7.67
N VAL A 714 -20.09 -27.10 7.91
CA VAL A 714 -21.33 -27.85 7.79
C VAL A 714 -21.50 -28.37 6.37
N MET A 715 -21.33 -27.48 5.38
CA MET A 715 -21.49 -27.85 3.97
C MET A 715 -20.38 -28.76 3.46
N CYS A 716 -19.20 -28.69 4.08
CA CYS A 716 -18.10 -29.61 3.77
C CYS A 716 -18.40 -31.00 4.31
N ASN A 717 -18.91 -31.06 5.54
CA ASN A 717 -19.35 -32.31 6.14
C ASN A 717 -20.48 -32.96 5.33
N ALA A 718 -21.38 -32.13 4.79
CA ALA A 718 -22.52 -32.58 4.00
C ALA A 718 -22.11 -33.21 2.68
N TYR A 719 -21.05 -32.71 2.08
CA TYR A 719 -20.54 -33.31 0.87
C TYR A 719 -19.74 -34.56 1.16
N ASN A 720 -18.98 -34.52 2.24
CA ASN A 720 -18.17 -35.67 2.59
C ASN A 720 -19.01 -36.84 3.04
N ASN A 721 -20.21 -36.56 3.47
CA ASN A 721 -21.22 -37.56 3.70
C ASN A 721 -22.17 -37.80 2.57
N GLY A 722 -22.00 -37.09 1.48
CA GLY A 722 -22.49 -37.53 0.21
C GLY A 722 -23.96 -37.29 0.02
N ASN A 723 -24.55 -36.50 0.89
CA ASN A 723 -25.80 -35.83 0.56
C ASN A 723 -25.94 -34.50 1.16
N GLY A 724 -26.36 -33.55 0.33
CA GLY A 724 -26.79 -33.90 -1.00
C GLY A 724 -27.81 -32.89 -1.43
N GLU A 725 -28.99 -32.97 -0.84
CA GLU A 725 -29.87 -31.82 -0.75
C GLU A 725 -29.65 -31.06 0.54
N LYS A 726 -29.00 -31.71 1.50
CA LYS A 726 -28.29 -31.01 2.56
C LYS A 726 -27.34 -29.97 1.99
N PHE A 727 -26.38 -30.42 1.19
CA PHE A 727 -25.34 -29.55 0.65
C PHE A 727 -25.92 -28.32 -0.06
N LYS A 728 -26.87 -28.53 -0.96
CA LYS A 728 -27.54 -27.44 -1.65
C LYS A 728 -28.01 -26.35 -0.69
N PHE A 729 -28.66 -26.76 0.38
CA PHE A 729 -29.25 -25.85 1.37
C PHE A 729 -28.21 -25.00 2.09
N VAL A 730 -27.24 -25.67 2.71
CA VAL A 730 -26.19 -24.98 3.48
C VAL A 730 -25.24 -24.21 2.56
N SER A 731 -24.94 -24.76 1.39
CA SER A 731 -24.13 -24.05 0.40
C SER A 731 -24.85 -22.81 -0.12
N GLY A 732 -26.18 -22.89 -0.22
CA GLY A 732 -27.01 -21.76 -0.64
C GLY A 732 -27.12 -20.68 0.43
N LYS A 733 -27.23 -21.11 1.68
CA LYS A 733 -27.26 -20.18 2.82
C LYS A 733 -25.91 -19.49 3.00
N PHE A 734 -24.85 -20.21 2.62
CA PHE A 734 -23.47 -19.71 2.61
C PHE A 734 -23.30 -18.59 1.58
N LEU A 735 -23.78 -18.81 0.35
CA LEU A 735 -23.71 -17.81 -0.70
C LEU A 735 -24.61 -16.60 -0.38
N GLU A 736 -25.78 -16.87 0.19
CA GLU A 736 -26.69 -15.82 0.67
C GLU A 736 -26.05 -14.91 1.72
N LEU A 737 -25.24 -15.53 2.61
CA LEU A 737 -24.47 -14.81 3.63
C LEU A 737 -23.48 -13.84 3.00
N ILE A 738 -22.79 -14.29 1.95
CA ILE A 738 -21.82 -13.46 1.21
C ILE A 738 -22.53 -12.27 0.55
N LYS A 739 -23.74 -12.52 0.04
CA LYS A 739 -24.54 -11.47 -0.59
C LYS A 739 -25.02 -10.44 0.43
N LEU A 740 -25.20 -10.86 1.67
CA LEU A 740 -25.51 -9.93 2.76
C LEU A 740 -24.29 -9.11 3.13
N GLN A 741 -23.16 -9.82 3.30
CA GLN A 741 -21.86 -9.18 3.52
C GLN A 741 -21.60 -8.05 2.52
N GLU A 742 -21.80 -8.32 1.23
CA GLU A 742 -21.63 -7.33 0.15
C GLU A 742 -22.43 -6.06 0.40
N ARG A 743 -23.62 -6.21 0.99
CA ARG A 743 -24.49 -5.09 1.33
C ARG A 743 -23.95 -4.31 2.51
N VAL A 744 -23.40 -5.03 3.50
CA VAL A 744 -22.74 -4.42 4.63
C VAL A 744 -21.58 -3.53 4.13
N LEU A 745 -20.76 -4.09 3.24
CA LEU A 745 -19.56 -3.41 2.76
C LEU A 745 -19.86 -2.22 1.85
N SER A 746 -21.01 -2.26 1.18
CA SER A 746 -21.45 -1.18 0.32
C SER A 746 -21.68 0.13 1.09
N THR A 747 -21.85 0.05 2.41
CA THR A 747 -22.20 1.22 3.22
C THR A 747 -21.03 2.17 3.50
N ARG A 748 -19.80 1.68 3.33
CA ARG A 748 -18.61 2.45 3.67
C ARG A 748 -17.80 2.83 2.43
N PRO A 749 -17.63 4.14 2.17
CA PRO A 749 -16.76 4.60 1.08
C PRO A 749 -15.36 3.94 1.08
N GLU A 750 -14.83 3.67 2.27
CA GLU A 750 -13.49 3.13 2.40
C GLU A 750 -13.40 1.64 2.02
N PHE A 751 -14.56 0.97 1.92
CA PHE A 751 -14.61 -0.44 1.55
C PHE A 751 -14.97 -0.65 0.07
N LEU A 752 -14.96 0.40 -0.74
CA LEU A 752 -15.36 0.28 -2.16
C LEU A 752 -14.15 0.03 -3.09
N ILE A 753 -14.20 -1.05 -3.88
CA ILE A 753 -13.14 -1.34 -4.83
C ILE A 753 -12.97 -0.21 -5.84
N GLY A 754 -14.08 0.43 -6.20
CA GLY A 754 -14.12 1.52 -7.18
C GLY A 754 -13.35 2.77 -6.80
N ASN A 755 -13.18 3.00 -5.49
CA ASN A 755 -12.38 4.14 -5.02
C ASN A 755 -10.88 3.91 -5.19
N TRP A 756 -10.45 2.71 -4.81
CA TRP A 756 -9.07 2.22 -5.00
C TRP A 756 -8.71 2.30 -6.49
N ILE A 757 -9.54 1.70 -7.34
CA ILE A 757 -9.32 1.67 -8.78
C ILE A 757 -9.33 3.06 -9.44
N GLU A 758 -10.32 3.87 -9.12
CA GLU A 758 -10.41 5.22 -9.70
C GLU A 758 -9.23 6.10 -9.32
N ASP A 759 -8.80 5.99 -8.06
CA ASP A 759 -7.57 6.65 -7.62
C ASP A 759 -6.36 6.20 -8.45
N ALA A 760 -6.28 4.91 -8.79
CA ALA A 760 -5.22 4.41 -9.68
C ALA A 760 -5.29 5.08 -11.04
N ARG A 761 -6.48 5.18 -11.60
CA ARG A 761 -6.65 5.67 -12.95
C ARG A 761 -6.53 7.19 -13.07
N THR A 762 -6.58 7.90 -11.94
CA THR A 762 -6.62 9.37 -11.95
C THR A 762 -5.50 10.05 -11.12
N MET A 763 -4.54 9.29 -10.63
CA MET A 763 -3.50 9.85 -9.73
C MET A 763 -2.53 10.84 -10.38
N LEU A 764 -2.29 10.71 -11.67
CA LEU A 764 -1.60 11.74 -12.44
C LEU A 764 -2.55 12.37 -13.42
N LYS A 765 -2.27 13.58 -13.85
CA LYS A 765 -3.14 14.17 -14.84
C LYS A 765 -2.67 14.19 -16.26
N ASP A 766 -3.61 14.21 -17.17
CA ASP A 766 -3.30 14.09 -18.56
C ASP A 766 -2.49 12.85 -18.90
N SER A 767 -2.76 11.77 -18.18
CA SER A 767 -2.45 10.39 -18.55
C SER A 767 -3.22 9.83 -19.71
N ASP A 768 -2.55 9.11 -20.59
CA ASP A 768 -3.19 8.43 -21.70
C ASP A 768 -3.90 7.17 -21.21
N ASP A 769 -4.66 6.52 -22.09
CA ASP A 769 -5.42 5.31 -21.71
C ASP A 769 -4.52 4.14 -21.32
N TRP A 770 -3.35 4.08 -21.96
CA TRP A 770 -2.35 3.05 -21.65
C TRP A 770 -1.92 3.12 -20.19
N THR A 771 -1.60 4.32 -19.73
CA THR A 771 -1.14 4.55 -18.36
C THR A 771 -2.23 4.23 -17.34
N LYS A 772 -3.46 4.67 -17.63
CA LYS A 772 -4.60 4.45 -16.74
C LYS A 772 -4.90 2.97 -16.63
N ASP A 773 -4.95 2.30 -17.77
CA ASP A 773 -5.14 0.84 -17.84
C ASP A 773 -4.07 0.05 -17.08
N LEU A 774 -2.83 0.49 -17.23
CA LEU A 774 -1.71 -0.16 -16.55
C LEU A 774 -1.78 0.06 -15.05
N PHE A 775 -2.13 1.28 -14.62
CA PHE A 775 -2.24 1.59 -13.19
C PHE A 775 -3.41 0.85 -12.53
N GLU A 776 -4.51 0.68 -13.30
CA GLU A 776 -5.60 -0.19 -12.86
C GLU A 776 -5.19 -1.66 -12.78
N PHE A 777 -4.29 -2.10 -13.66
CA PHE A 777 -3.70 -3.45 -13.53
C PHE A 777 -3.00 -3.58 -12.18
N ASN A 778 -2.20 -2.58 -11.83
CA ASN A 778 -1.51 -2.52 -10.54
C ASN A 778 -2.46 -2.63 -9.35
N ALA A 779 -3.57 -1.89 -9.41
CA ALA A 779 -4.55 -1.82 -8.32
C ALA A 779 -5.31 -3.13 -8.15
N ARG A 780 -5.69 -3.75 -9.26
CA ARG A 780 -6.39 -5.03 -9.22
C ARG A 780 -5.48 -6.16 -8.72
N ALA A 781 -4.29 -6.24 -9.28
CA ALA A 781 -3.38 -7.33 -8.99
C ALA A 781 -2.96 -7.32 -7.51
N LEU A 782 -2.62 -6.16 -6.97
CA LEU A 782 -2.15 -6.10 -5.60
C LEU A 782 -3.10 -6.73 -4.57
N VAL A 783 -4.39 -6.41 -4.66
CA VAL A 783 -5.37 -6.91 -3.67
C VAL A 783 -5.86 -8.34 -3.95
N THR A 784 -5.34 -8.95 -5.02
CA THR A 784 -5.73 -10.31 -5.39
C THR A 784 -4.52 -11.22 -5.57
N THR A 785 -4.14 -11.47 -6.83
CA THR A 785 -3.07 -12.42 -7.17
C THR A 785 -1.68 -11.91 -6.81
N TRP A 786 -1.59 -10.59 -6.59
CA TRP A 786 -0.37 -9.90 -6.19
C TRP A 786 0.58 -9.76 -7.37
N GLY A 787 1.03 -10.90 -7.90
CA GLY A 787 1.83 -10.97 -9.11
C GLY A 787 1.13 -11.88 -10.09
N SER A 788 1.88 -12.51 -10.98
CA SER A 788 1.30 -13.45 -11.93
C SER A 788 1.47 -14.88 -11.43
N ARG A 789 1.34 -15.89 -12.29
CA ARG A 789 1.16 -17.26 -11.78
C ARG A 789 2.27 -17.68 -10.82
N ASN A 790 3.51 -17.35 -11.16
CA ASN A 790 4.63 -17.80 -10.35
C ASN A 790 4.80 -17.04 -9.05
N ASN A 791 4.13 -15.89 -8.98
CA ASN A 791 4.12 -15.06 -7.78
C ASN A 791 2.95 -15.39 -6.88
N ALA A 792 1.80 -15.65 -7.48
CA ALA A 792 0.58 -16.02 -6.77
C ALA A 792 0.66 -17.44 -6.20
N ASP A 793 1.09 -18.39 -7.03
CA ASP A 793 1.10 -19.80 -6.66
C ASP A 793 2.45 -20.26 -6.12
N GLY A 794 3.42 -20.46 -7.00
CA GLY A 794 4.77 -20.82 -6.57
C GLY A 794 5.36 -19.86 -5.55
N GLY A 795 4.93 -18.60 -5.62
CA GLY A 795 5.52 -17.55 -4.79
C GLY A 795 4.90 -17.39 -3.43
N GLY A 796 3.69 -17.91 -3.26
CA GLY A 796 2.96 -17.83 -1.99
C GLY A 796 2.13 -16.58 -1.73
N LEU A 797 2.02 -15.71 -2.75
CA LEU A 797 1.38 -14.38 -2.56
C LEU A 797 -0.10 -14.27 -2.91
N LYS A 798 -0.70 -15.36 -3.38
CA LYS A 798 -2.13 -15.39 -3.67
C LYS A 798 -2.96 -14.83 -2.50
N ASP A 799 -3.76 -13.81 -2.78
CA ASP A 799 -4.69 -13.20 -1.82
C ASP A 799 -4.02 -12.68 -0.55
N TYR A 800 -2.72 -12.37 -0.63
CA TYR A 800 -1.98 -11.91 0.56
C TYR A 800 -2.63 -10.62 1.09
N SER A 801 -3.09 -9.78 0.17
CA SER A 801 -3.62 -8.47 0.49
C SER A 801 -5.14 -8.50 0.31
N ASN A 802 -5.76 -9.63 0.64
CA ASN A 802 -7.19 -9.77 0.43
C ASN A 802 -8.00 -8.73 1.21
N ARG A 803 -9.07 -8.22 0.60
CA ARG A 803 -9.83 -7.12 1.22
C ARG A 803 -11.29 -7.48 1.36
N GLN A 804 -11.88 -7.12 2.50
CA GLN A 804 -13.32 -7.26 2.71
C GLN A 804 -14.01 -6.04 2.09
N TRP A 805 -14.01 -5.99 0.76
CA TRP A 805 -14.37 -4.81 -0.01
C TRP A 805 -15.56 -5.07 -0.92
N SER A 806 -16.42 -4.06 -1.06
CA SER A 806 -17.57 -4.09 -1.96
C SER A 806 -17.08 -4.16 -3.41
N GLY A 807 -17.78 -4.93 -4.25
CA GLY A 807 -17.40 -5.08 -5.65
C GLY A 807 -16.43 -6.23 -5.84
N LEU A 808 -15.32 -6.18 -5.11
CA LEU A 808 -14.37 -7.28 -5.04
C LEU A 808 -15.08 -8.51 -4.50
N THR A 809 -15.85 -8.35 -3.43
CA THR A 809 -16.59 -9.49 -2.85
C THR A 809 -17.61 -10.08 -3.83
N GLU A 810 -18.35 -9.24 -4.50
CA GLU A 810 -19.35 -9.64 -5.46
C GLU A 810 -18.75 -10.35 -6.64
N ASP A 811 -17.76 -9.73 -7.25
CA ASP A 811 -17.27 -10.14 -8.58
C ASP A 811 -16.08 -11.07 -8.55
N TYR A 812 -15.51 -11.29 -7.36
CA TYR A 812 -14.29 -12.07 -7.24
C TYR A 812 -14.42 -13.17 -6.19
N TYR A 813 -14.70 -12.79 -4.93
CA TYR A 813 -14.76 -13.76 -3.84
C TYR A 813 -15.98 -14.66 -3.91
N TYR A 814 -17.16 -14.06 -4.01
CA TYR A 814 -18.41 -14.79 -4.23
C TYR A 814 -18.32 -15.71 -5.45
N ALA A 815 -17.82 -15.17 -6.56
CA ALA A 815 -17.76 -15.88 -7.84
C ALA A 815 -16.94 -17.16 -7.74
N ARG A 816 -15.84 -17.11 -6.97
CA ARG A 816 -14.97 -18.26 -6.75
C ARG A 816 -15.72 -19.35 -6.00
N TRP A 817 -16.40 -18.95 -4.92
CA TRP A 817 -17.17 -19.86 -4.09
C TRP A 817 -18.37 -20.46 -4.80
N GLU A 818 -19.03 -19.66 -5.65
CA GLU A 818 -20.16 -20.12 -6.45
C GLU A 818 -19.76 -21.17 -7.49
N LYS A 819 -18.59 -21.00 -8.09
CA LYS A 819 -18.09 -21.95 -9.09
C LYS A 819 -17.81 -23.30 -8.46
N TRP A 820 -17.23 -23.28 -7.26
CA TRP A 820 -16.78 -24.48 -6.54
C TRP A 820 -17.98 -25.27 -6.00
N ILE A 821 -18.99 -24.55 -5.59
CA ILE A 821 -20.22 -25.14 -5.13
C ILE A 821 -20.96 -25.92 -6.21
N ASN A 822 -20.72 -25.58 -7.45
CA ASN A 822 -21.69 -25.82 -8.50
C ASN A 822 -21.64 -27.22 -9.10
N GLY A 823 -20.46 -27.72 -9.37
CA GLY A 823 -19.40 -27.63 -8.44
C GLY A 823 -19.19 -28.99 -7.85
N LEU A 824 -19.19 -29.01 -6.55
CA LEU A 824 -19.58 -30.13 -5.75
C LEU A 824 -21.01 -30.59 -5.90
N GLN A 825 -21.92 -29.70 -6.24
CA GLN A 825 -23.31 -30.08 -6.37
C GLN A 825 -23.43 -30.94 -7.58
N ALA A 826 -22.78 -30.55 -8.64
CA ALA A 826 -22.86 -31.29 -9.87
C ALA A 826 -22.50 -32.73 -9.67
N GLU A 827 -21.44 -32.98 -8.93
CA GLU A 827 -21.00 -34.33 -8.65
C GLU A 827 -21.96 -35.05 -7.74
N LEU A 828 -22.39 -34.41 -6.68
CA LEU A 828 -23.19 -35.03 -5.65
C LEU A 828 -24.50 -35.52 -6.20
N ASP A 829 -24.93 -34.96 -7.31
CA ASP A 829 -26.13 -35.37 -7.98
C ASP A 829 -25.85 -36.50 -8.95
N GLY A 831 -24.35 -37.15 -12.75
CA GLY A 831 -23.34 -36.13 -12.69
C GLY A 831 -22.16 -36.58 -11.89
N ALA A 832 -20.99 -36.30 -12.41
CA ALA A 832 -19.75 -36.52 -11.69
C ALA A 832 -18.69 -36.10 -12.65
N LYS A 833 -17.47 -35.91 -12.18
CA LYS A 833 -17.23 -35.42 -10.86
C LYS A 833 -16.38 -34.18 -10.91
N ALA A 834 -16.21 -33.55 -9.77
CA ALA A 834 -15.85 -32.15 -9.75
C ALA A 834 -14.40 -31.95 -10.08
N PRO A 835 -14.14 -31.08 -11.05
CA PRO A 835 -12.80 -30.91 -11.59
C PRO A 835 -11.89 -30.12 -10.64
N ASN A 836 -10.59 -30.20 -10.86
CA ASN A 836 -9.66 -29.23 -10.28
C ASN A 836 -9.75 -27.86 -10.96
N ILE A 837 -10.12 -26.85 -10.19
CA ILE A 837 -10.28 -25.50 -10.73
C ILE A 837 -8.96 -24.74 -10.73
N ASP A 838 -8.56 -24.26 -11.90
CA ASP A 838 -7.33 -23.47 -12.02
C ASP A 838 -7.67 -22.05 -11.61
N TRP A 839 -7.53 -21.80 -10.31
CA TRP A 839 -7.96 -20.56 -9.69
C TRP A 839 -7.26 -19.32 -10.23
N PHE A 840 -5.93 -19.40 -10.36
CA PHE A 840 -5.19 -18.24 -10.83
C PHE A 840 -5.72 -17.69 -12.16
N LYS A 841 -6.05 -18.60 -13.08
CA LYS A 841 -6.58 -18.25 -14.40
C LYS A 841 -7.81 -17.37 -14.25
N MET A 842 -8.74 -17.83 -13.43
CA MET A 842 -10.02 -17.18 -13.17
C MET A 842 -9.81 -15.82 -12.49
N GLU A 843 -8.82 -15.77 -11.60
CA GLU A 843 -8.51 -14.58 -10.81
C GLU A 843 -7.84 -13.49 -11.64
N TYR A 844 -6.95 -13.90 -12.54
CA TYR A 844 -6.22 -13.01 -13.43
C TYR A 844 -7.11 -12.51 -14.56
N ASP A 845 -8.19 -13.23 -14.84
CA ASP A 845 -9.29 -12.79 -15.71
C ASP A 845 -9.82 -11.46 -15.15
N TRP A 846 -10.19 -11.45 -13.87
CA TRP A 846 -10.73 -10.23 -13.24
C TRP A 846 -9.68 -9.10 -13.18
N VAL A 847 -8.46 -9.46 -12.79
CA VAL A 847 -7.32 -8.54 -12.69
C VAL A 847 -7.11 -7.69 -13.96
N ASN A 848 -7.32 -8.29 -15.14
CA ASN A 848 -6.99 -7.63 -16.42
C ASN A 848 -8.17 -6.84 -17.05
N LYS A 849 -9.32 -6.84 -16.38
CA LYS A 849 -10.47 -6.07 -16.84
C LYS A 849 -10.26 -4.57 -16.62
N LYS A 850 -10.86 -3.76 -17.49
CA LYS A 850 -10.64 -2.32 -17.48
C LYS A 850 -11.97 -1.61 -17.22
N SER A 851 -11.90 -0.53 -16.44
CA SER A 851 -13.09 0.21 -16.01
C SER A 851 -13.89 0.84 -17.15
N ASP A 852 -13.18 1.19 -18.23
CA ASP A 852 -13.81 1.91 -19.35
C ASP A 852 -14.46 1.01 -20.39
N THR A 853 -14.08 -0.27 -20.41
CA THR A 853 -14.60 -1.20 -21.41
C THR A 853 -15.39 -2.37 -20.78
N ASP A 854 -15.06 -2.71 -19.54
CA ASP A 854 -15.73 -3.83 -18.85
C ASP A 854 -16.83 -3.42 -17.85
N LYS A 855 -16.44 -2.89 -16.70
CA LYS A 855 -17.38 -2.56 -15.64
C LYS A 855 -16.78 -1.52 -14.74
N LEU A 856 -17.48 -0.39 -14.61
CA LEU A 856 -17.07 0.68 -13.73
C LEU A 856 -17.69 0.46 -12.36
N TYR A 857 -16.83 0.24 -11.37
CA TYR A 857 -17.23 0.08 -9.99
C TYR A 857 -17.53 1.44 -9.35
N PRO A 858 -18.58 1.51 -8.50
CA PRO A 858 -19.05 2.76 -7.86
C PRO A 858 -18.02 3.40 -6.95
N THR A 859 -18.02 4.73 -6.90
CA THR A 859 -17.23 5.48 -5.93
C THR A 859 -18.14 6.06 -4.84
N GLU A 860 -19.36 5.51 -4.77
CA GLU A 860 -20.40 6.03 -3.90
C GLU A 860 -20.99 4.91 -3.05
N ALA A 861 -21.09 5.15 -1.74
CA ALA A 861 -21.65 4.20 -0.80
C ALA A 861 -23.18 4.04 -0.94
N SER A 862 -23.72 2.96 -0.36
CA SER A 862 -25.15 2.74 -0.36
C SER A 862 -25.84 3.29 0.90
N ASN A 863 -27.16 3.46 0.82
CA ASN A 863 -27.98 3.94 1.96
C ASN A 863 -28.49 2.84 2.87
N GLU A 864 -27.95 1.64 2.71
CA GLU A 864 -28.38 0.47 3.47
C GLU A 864 -28.27 0.69 4.97
N ASN A 865 -29.23 0.10 5.68
CA ASN A 865 -29.38 0.27 7.11
C ASN A 865 -28.65 -0.84 7.84
N LEU A 866 -27.61 -0.48 8.60
CA LEU A 866 -26.80 -1.45 9.32
C LEU A 866 -27.57 -2.15 10.44
N GLY A 867 -28.33 -1.37 11.21
CA GLY A 867 -29.25 -1.91 12.23
C GLY A 867 -30.13 -3.00 11.64
N GLU A 868 -30.79 -2.68 10.54
CA GLU A 868 -31.61 -3.64 9.79
C GLU A 868 -30.81 -4.82 9.27
N LEU A 869 -29.64 -4.55 8.68
CA LEU A 869 -28.73 -5.58 8.18
C LEU A 869 -28.26 -6.50 9.30
N ALA A 870 -27.98 -5.91 10.46
CA ALA A 870 -27.57 -6.65 11.66
C ALA A 870 -28.62 -7.63 12.16
N LYS A 871 -29.90 -7.22 12.12
CA LYS A 871 -31.00 -8.10 12.53
C LYS A 871 -31.19 -9.27 11.57
N ILE A 872 -31.00 -9.03 10.27
CA ILE A 872 -31.00 -10.11 9.27
C ILE A 872 -29.85 -11.10 9.53
N ALA A 873 -28.69 -10.56 9.92
CA ALA A 873 -27.54 -11.39 10.29
C ALA A 873 -27.80 -12.25 11.53
N MET A 874 -28.30 -11.66 12.59
CA MET A 874 -28.64 -12.36 13.81
C MET A 874 -29.68 -13.43 13.59
N GLU A 875 -30.60 -13.18 12.69
CA GLU A 875 -31.75 -14.04 12.48
C GLU A 875 -31.34 -15.27 11.71
N SER A 876 -30.72 -15.07 10.55
CA SER A 876 -30.57 -16.11 9.56
C SER A 876 -29.15 -16.56 9.34
N TYR A 877 -28.19 -15.71 9.63
CA TYR A 877 -26.83 -16.04 9.30
C TYR A 877 -25.87 -16.00 10.46
N SER A 878 -26.37 -16.22 11.67
CA SER A 878 -25.56 -16.17 12.87
C SER A 878 -25.10 -17.50 13.36
N VAL A 879 -24.14 -17.48 14.27
CA VAL A 879 -23.80 -18.60 15.10
C VAL A 879 -24.71 -18.80 16.31
N THR A 880 -25.15 -17.73 16.92
CA THR A 880 -26.06 -17.83 18.05
C THR A 880 -27.28 -18.69 17.75
N ASN A 881 -27.95 -18.35 16.66
CA ASN A 881 -29.15 -19.01 16.22
C ASN A 881 -28.90 -20.07 15.15
N MET A 882 -27.73 -20.69 15.16
CA MET A 882 -27.29 -21.53 14.06
C MET A 882 -28.05 -22.85 13.89
N ASP A 883 -28.46 -23.46 14.97
CA ASP A 883 -29.33 -24.60 14.87
C ASP A 883 -30.73 -24.35 14.30
N LYS A 884 -31.32 -23.21 14.61
CA LYS A 884 -32.67 -22.93 14.16
C LYS A 884 -32.70 -22.55 12.70
N ILE A 885 -33.78 -22.32 12.13
CAH OAN B . 4.16 -9.82 0.78
CAG OAN B . 4.52 -8.84 1.89
OAN OAN B . 4.09 -7.68 1.84
NAI OAN B . 5.31 -9.33 2.86
CAB OAN B . 5.76 -8.51 4.01
CAC OAN B . 7.15 -7.94 3.81
OAJ OAN B . 7.21 -7.21 2.58
CAD OAN B . 7.49 -7.04 5.00
OAK OAN B . 8.80 -6.48 4.85
CAE OAN B . 7.44 -7.79 6.33
CAF OAN B . 7.48 -6.78 7.48
OAM OAN B . 6.18 -6.17 7.66
OAL OAN B . 6.22 -8.57 6.49
CAA OAN B . 5.78 -9.24 5.38
NAY OAN B . 5.37 -10.48 5.54
OAQ OAN B . 5.47 -10.94 6.82
CAP OAN B . 4.63 -11.98 7.02
OAR OAN B . 3.43 -11.82 7.21
NAO OAN B . 5.20 -13.18 7.00
CAS OAN B . 5.91 -13.74 6.61
CAT OAN B . 7.13 -13.08 6.56
CAU OAN B . 8.28 -13.77 6.22
CAV OAN B . 8.24 -15.13 5.90
CAW OAN B . 7.04 -15.81 5.93
CAX OAN B . 5.88 -15.11 6.28
CA CA C . 4.59 -14.08 -38.33
#